data_6T58
#
_entry.id   6T58
#
_cell.length_a   95.960
_cell.length_b   62.770
_cell.length_c   106.020
_cell.angle_alpha   90.000
_cell.angle_beta   90.260
_cell.angle_gamma   90.000
#
_symmetry.space_group_name_H-M   'P 1 21 1'
#
loop_
_entity.id
_entity.type
_entity.pdbx_description
1 polymer 'Cellular tumor antigen p53,Protein S100-A4,Protein S100-A4,Annexin A2'
2 non-polymer GLYCEROL
3 non-polymer 'CALCIUM ION'
#
_entity_poly.entity_id   1
_entity_poly.type   'polypeptide(L)'
_entity_poly.pdbx_seq_one_letter_code
;GSHMETFSDLWKLLPENNVLSPLPSQAMDDLMLSPDDIEQWFTEGGSGHMACPLEKALDVMVSTFHKYSGKEGDKFKLNK
SELKELLTRELPSFLGKRTDEAAFQKLMSNLDSNRDNEVDFQEYCVFLSCIAMMCNEFFEGFSAGSAGACPLEKALDVMV
STFHKYSGKEGDKFKLNKSELKELLTRELPSFLGKRTDEAAFQKLMSNLDSNRDNEVDFQEYCVFLSCIAMMCNEFFEGF
TSAYTNFDAERDALNIETAIKTKGVDEVTIVNILTNRSNEQRQDIAFAYQRRTKKELASALKSALSGHLETVILGLLKTP
AQYDASELKASMKGLGTDEDSLIEIICSRTNQELQEINRVYKEMYKTDLEKDIISDTSGDFRKLMVALAKGRRAEDGSVI
DYELIDQDARDLYDAGVKRKGTDVPKWISIMTERSVPHLQKVFDRYKSYSPYDMLESIRKEVKGDLENAFLNLVQCIQNK
PLYFADRLYDSMKGKGTRDKVLIRIMVSRSEVDMLKIRSEFKRKYGKSLYYYIQQDTKGDYQKALLYLCGGDD
;
_entity_poly.pdbx_strand_id   A,B
#
loop_
_chem_comp.id
_chem_comp.type
_chem_comp.name
_chem_comp.formula
CA non-polymer 'CALCIUM ION' 'Ca 2'
GOL non-polymer GLYCEROL 'C3 H8 O3'
#
# COMPACT_ATOMS: atom_id res chain seq x y z
N GLU A 5 -17.72 38.09 16.89
CA GLU A 5 -16.73 38.95 16.20
C GLU A 5 -15.49 39.24 17.05
N THR A 6 -14.52 38.32 17.12
CA THR A 6 -13.35 38.63 17.99
C THR A 6 -12.00 38.01 17.60
N PHE A 7 -11.70 37.74 16.34
CA PHE A 7 -10.35 37.14 16.12
C PHE A 7 -9.25 38.13 16.49
N SER A 8 -9.55 39.43 16.44
CA SER A 8 -8.55 40.50 16.75
C SER A 8 -8.05 40.46 18.19
N ASP A 9 -8.81 39.86 19.11
CA ASP A 9 -8.39 39.66 20.51
C ASP A 9 -8.19 38.15 20.71
N LEU A 10 -7.58 37.44 19.76
CA LEU A 10 -7.37 35.97 19.97
C LEU A 10 -5.90 35.61 19.92
N TRP A 11 -5.07 36.36 19.20
CA TRP A 11 -3.62 36.08 19.12
C TRP A 11 -2.90 36.74 20.29
N LYS A 12 -3.61 37.60 21.04
CA LYS A 12 -3.03 38.34 22.18
C LYS A 12 -3.32 37.83 23.58
N LEU A 13 -4.59 37.55 23.86
CA LEU A 13 -5.01 37.08 25.21
C LEU A 13 -4.59 35.62 25.32
N LEU A 14 -3.38 35.40 25.81
CA LEU A 14 -2.76 34.07 26.03
C LEU A 14 -1.55 34.35 26.92
N PRO A 15 -1.63 34.20 28.26
CA PRO A 15 -0.53 34.60 29.16
C PRO A 15 0.68 33.69 29.28
N GLU A 16 1.53 33.98 30.27
CA GLU A 16 2.77 33.21 30.45
C GLU A 16 2.39 31.76 30.76
N ASN A 17 2.60 30.87 29.81
CA ASN A 17 2.29 29.43 30.00
C ASN A 17 3.34 28.91 30.97
N ASN A 18 2.98 28.80 32.25
CA ASN A 18 3.85 28.28 33.34
C ASN A 18 3.01 28.11 34.59
N PRO A 24 4.21 14.20 31.95
CA PRO A 24 3.78 15.24 32.90
C PRO A 24 4.11 14.89 34.35
N SER A 25 4.85 15.76 35.03
CA SER A 25 5.12 15.54 36.45
C SER A 25 3.88 15.66 37.32
N GLN A 26 3.30 16.87 37.39
CA GLN A 26 2.14 17.11 38.23
C GLN A 26 1.03 16.12 37.91
N ALA A 27 0.77 15.88 36.63
CA ALA A 27 -0.35 15.02 36.23
C ALA A 27 -0.29 13.67 36.94
N MET A 28 0.80 12.92 36.73
CA MET A 28 0.89 11.57 37.26
C MET A 28 1.41 11.53 38.71
N ASP A 29 1.95 12.62 39.22
CA ASP A 29 2.45 12.68 40.58
C ASP A 29 1.32 13.02 41.56
N ASP A 30 0.69 14.18 41.37
CA ASP A 30 -0.48 14.55 42.16
C ASP A 30 -1.61 13.59 41.85
N LEU A 31 -2.04 12.82 42.84
CA LEU A 31 -3.06 11.78 42.68
C LEU A 31 -2.66 10.81 41.57
N MET A 32 -1.54 10.12 41.81
CA MET A 32 -1.08 9.12 40.85
C MET A 32 -2.16 8.07 40.66
N LEU A 33 -2.36 7.67 39.41
CA LEU A 33 -3.22 6.55 39.07
C LEU A 33 -2.34 5.46 38.48
N SER A 34 -2.41 4.27 39.07
CA SER A 34 -1.52 3.16 38.73
C SER A 34 -1.30 3.09 37.22
N PRO A 35 -0.06 3.10 36.75
CA PRO A 35 0.17 2.88 35.31
C PRO A 35 -0.42 1.55 34.85
N ASP A 36 -0.27 0.50 35.67
CA ASP A 36 -0.97 -0.75 35.39
C ASP A 36 -2.48 -0.59 35.42
N ASP A 37 -2.99 0.28 36.30
CA ASP A 37 -4.43 0.53 36.35
C ASP A 37 -4.94 1.05 35.01
N ILE A 38 -4.27 2.04 34.43
CA ILE A 38 -4.74 2.62 33.18
C ILE A 38 -4.35 1.79 31.96
N GLU A 39 -3.32 0.96 32.07
CA GLU A 39 -2.96 0.07 30.96
C GLU A 39 -3.85 -1.16 30.91
N GLN A 40 -4.29 -1.67 32.06
CA GLN A 40 -5.35 -2.67 32.11
C GLN A 40 -6.70 -2.07 31.77
N TRP A 41 -6.87 -0.77 32.02
CA TRP A 41 -7.94 0.01 31.42
C TRP A 41 -7.89 -0.39 29.96
N PHE A 42 -8.95 -1.04 29.47
CA PHE A 42 -9.09 -1.49 28.08
C PHE A 42 -7.86 -1.27 27.19
N CYS A 52 -21.64 10.46 30.51
CA CYS A 52 -20.34 11.02 30.83
C CYS A 52 -19.96 12.18 29.90
N PRO A 53 -20.77 13.25 29.91
CA PRO A 53 -20.53 14.34 28.95
C PRO A 53 -19.14 14.96 29.06
N LEU A 54 -18.66 15.19 30.29
CA LEU A 54 -17.36 15.83 30.45
C LEU A 54 -16.23 14.91 29.98
N GLU A 55 -16.40 13.60 30.16
CA GLU A 55 -15.39 12.65 29.67
C GLU A 55 -15.42 12.58 28.14
N LYS A 56 -16.61 12.66 27.55
CA LYS A 56 -16.70 12.78 26.10
C LYS A 56 -15.98 14.04 25.62
N ALA A 57 -16.17 15.15 26.33
CA ALA A 57 -15.52 16.39 25.94
C ALA A 57 -14.00 16.27 26.03
N LEU A 58 -13.50 15.65 27.09
CA LEU A 58 -12.05 15.45 27.20
C LEU A 58 -11.54 14.56 26.08
N ASP A 59 -12.27 13.49 25.75
CA ASP A 59 -11.85 12.62 24.66
C ASP A 59 -11.82 13.38 23.33
N VAL A 60 -12.82 14.22 23.08
CA VAL A 60 -12.85 15.03 21.87
C VAL A 60 -11.65 15.96 21.83
N MET A 61 -11.38 16.63 22.95
CA MET A 61 -10.24 17.54 23.03
C MET A 61 -8.94 16.81 22.71
N VAL A 62 -8.79 15.57 23.18
CA VAL A 62 -7.51 14.90 22.99
C VAL A 62 -7.40 14.31 21.59
N SER A 63 -8.51 13.84 21.03
CA SER A 63 -8.46 13.22 19.71
C SER A 63 -8.37 14.25 18.59
N THR A 64 -8.98 15.42 18.78
CA THR A 64 -8.89 16.47 17.77
C THR A 64 -7.44 16.84 17.50
N PHE A 65 -6.62 16.92 18.54
CA PHE A 65 -5.22 17.27 18.33
C PHE A 65 -4.54 16.28 17.39
N HIS A 66 -4.59 14.99 17.73
CA HIS A 66 -3.92 14.01 16.90
C HIS A 66 -4.55 13.87 15.52
N LYS A 67 -5.82 14.24 15.37
CA LYS A 67 -6.44 14.20 14.05
C LYS A 67 -5.67 15.04 13.04
N TYR A 68 -4.86 15.98 13.49
CA TYR A 68 -4.08 16.86 12.64
C TYR A 68 -2.58 16.77 12.87
N SER A 69 -2.14 16.49 14.10
CA SER A 69 -0.70 16.48 14.37
C SER A 69 -0.01 15.35 13.63
N GLY A 70 -0.71 14.24 13.37
CA GLY A 70 -0.19 13.08 12.69
C GLY A 70 -0.28 13.12 11.18
N LYS A 71 -0.85 14.18 10.63
CA LYS A 71 -0.93 14.30 9.18
C LYS A 71 0.46 14.36 8.55
N GLU A 72 1.35 15.18 9.09
CA GLU A 72 2.65 15.37 8.47
C GLU A 72 3.73 15.49 9.54
N GLY A 73 4.96 15.21 9.12
CA GLY A 73 6.11 15.39 9.99
C GLY A 73 5.92 14.69 11.32
N ASP A 74 6.36 15.35 12.39
CA ASP A 74 6.17 14.81 13.73
C ASP A 74 4.70 14.54 13.96
N LYS A 75 4.37 13.28 14.26
CA LYS A 75 2.99 12.89 14.45
C LYS A 75 2.38 13.43 15.73
N PHE A 76 3.19 13.94 16.66
CA PHE A 76 2.70 14.39 17.96
C PHE A 76 2.68 15.90 18.13
N LYS A 77 3.21 16.66 17.17
CA LYS A 77 3.20 18.11 17.23
C LYS A 77 2.55 18.69 15.99
N LEU A 78 1.97 19.87 16.14
CA LEU A 78 1.33 20.57 15.03
C LEU A 78 2.32 21.51 14.36
N ASN A 79 2.39 21.44 13.03
CA ASN A 79 3.11 22.46 12.29
C ASN A 79 2.15 23.59 11.96
N LYS A 80 2.69 24.69 11.43
CA LYS A 80 1.85 25.83 11.09
C LYS A 80 0.69 25.42 10.20
N SER A 81 0.96 24.58 9.20
CA SER A 81 -0.10 24.10 8.32
C SER A 81 -1.16 23.34 9.11
N GLU A 82 -0.73 22.36 9.92
CA GLU A 82 -1.67 21.55 10.68
C GLU A 82 -2.49 22.39 11.65
N LEU A 83 -1.84 23.33 12.35
CA LEU A 83 -2.58 24.18 13.29
C LEU A 83 -3.56 25.08 12.57
N LYS A 84 -3.18 25.61 11.38
CA LYS A 84 -4.13 26.40 10.61
C LYS A 84 -5.32 25.56 10.19
N GLU A 85 -5.05 24.35 9.70
CA GLU A 85 -6.13 23.43 9.34
C GLU A 85 -7.06 23.18 10.51
N LEU A 86 -6.48 22.94 11.70
CA LEU A 86 -7.27 22.66 12.89
C LEU A 86 -8.12 23.86 13.28
N LEU A 87 -7.50 25.05 13.41
CA LEU A 87 -8.26 26.25 13.71
C LEU A 87 -9.41 26.44 12.73
N THR A 88 -9.17 26.19 11.44
CA THR A 88 -10.19 26.46 10.43
C THR A 88 -11.31 25.42 10.48
N ARG A 89 -10.97 24.14 10.59
CA ARG A 89 -11.97 23.08 10.57
C ARG A 89 -12.72 23.02 11.89
N GLU A 90 -12.00 22.78 12.98
CA GLU A 90 -12.62 22.46 14.26
C GLU A 90 -13.05 23.68 15.06
N LEU A 91 -12.56 24.88 14.72
CA LEU A 91 -12.82 26.09 15.51
C LEU A 91 -13.33 27.23 14.64
N PRO A 92 -14.45 27.01 13.93
CA PRO A 92 -15.10 28.12 13.22
C PRO A 92 -15.88 29.05 14.13
N SER A 93 -15.91 28.79 15.44
CA SER A 93 -16.66 29.66 16.36
C SER A 93 -16.23 31.11 16.19
N PHE A 94 -14.93 31.37 16.28
CA PHE A 94 -14.40 32.68 15.95
C PHE A 94 -14.35 32.83 14.43
N LEU A 95 -14.89 33.93 13.93
CA LEU A 95 -14.92 34.19 12.49
C LEU A 95 -14.12 35.44 12.14
N GLY A 96 -14.65 36.63 12.39
CA GLY A 96 -13.93 37.85 12.04
C GLY A 96 -13.77 37.99 10.55
N LYS A 97 -12.59 38.46 10.14
CA LYS A 97 -12.27 38.65 8.72
C LYS A 97 -11.70 37.37 8.11
N ARG A 98 -12.37 36.24 8.35
CA ARG A 98 -11.97 34.93 7.82
C ARG A 98 -10.60 34.59 8.39
N THR A 99 -9.58 34.37 7.56
CA THR A 99 -8.25 34.01 8.03
C THR A 99 -7.32 35.23 7.96
N ASP A 100 -6.04 35.00 8.26
CA ASP A 100 -5.02 36.04 8.20
C ASP A 100 -3.67 35.34 8.00
N GLU A 101 -2.59 36.13 8.03
CA GLU A 101 -1.25 35.56 7.94
C GLU A 101 -0.24 36.22 8.87
N ALA A 102 -0.43 37.49 9.25
CA ALA A 102 0.45 38.11 10.24
C ALA A 102 -0.06 37.88 11.66
N ALA A 103 -1.33 38.17 11.90
CA ALA A 103 -1.90 37.92 13.23
C ALA A 103 -1.96 36.43 13.53
N PHE A 104 -2.22 35.61 12.50
CA PHE A 104 -2.19 34.16 12.73
C PHE A 104 -0.78 33.67 13.02
N GLN A 105 0.22 34.23 12.34
CA GLN A 105 1.60 33.89 12.68
C GLN A 105 1.92 34.30 14.12
N LYS A 106 1.39 35.44 14.55
CA LYS A 106 1.60 35.85 15.94
C LYS A 106 0.95 34.86 16.90
N LEU A 107 -0.27 34.41 16.59
CA LEU A 107 -0.93 33.44 17.45
C LEU A 107 -0.16 32.12 17.47
N MET A 108 0.37 31.69 16.32
CA MET A 108 1.16 30.47 16.28
C MET A 108 2.43 30.61 17.09
N SER A 109 3.03 31.81 17.10
CA SER A 109 4.25 32.02 17.85
C SER A 109 3.97 32.14 19.35
N ASN A 110 2.80 32.68 19.71
CA ASN A 110 2.44 32.77 21.12
C ASN A 110 2.02 31.42 21.68
N LEU A 111 1.47 30.54 20.84
CA LEU A 111 1.17 29.19 21.29
C LEU A 111 2.44 28.37 21.49
N ASP A 112 3.50 28.71 20.75
CA ASP A 112 4.77 27.98 20.80
C ASP A 112 5.59 28.50 21.97
N SER A 113 5.39 27.91 23.14
CA SER A 113 6.20 28.27 24.30
C SER A 113 7.60 27.66 24.24
N ASN A 114 7.76 26.56 23.51
CA ASN A 114 9.04 25.87 23.42
C ASN A 114 9.97 26.44 22.35
N ARG A 115 9.44 27.22 21.41
CA ARG A 115 10.21 27.77 20.29
C ARG A 115 10.70 26.69 19.33
N ASP A 116 10.01 25.54 19.28
CA ASP A 116 10.32 24.50 18.32
C ASP A 116 9.58 24.69 17.00
N ASN A 117 8.97 25.87 16.81
CA ASN A 117 8.16 26.20 15.64
C ASN A 117 7.01 25.21 15.43
N GLU A 118 6.67 24.44 16.45
CA GLU A 118 5.55 23.50 16.38
C GLU A 118 4.83 23.50 17.71
N VAL A 119 3.50 23.44 17.66
CA VAL A 119 2.69 23.36 18.86
C VAL A 119 2.53 21.89 19.25
N ASP A 120 2.95 21.55 20.46
CA ASP A 120 2.78 20.20 20.98
C ASP A 120 1.50 20.13 21.78
N PHE A 121 1.28 19.02 22.48
CA PHE A 121 0.01 18.84 23.16
C PHE A 121 -0.13 19.75 24.38
N GLN A 122 0.98 20.05 25.06
CA GLN A 122 0.88 20.87 26.27
C GLN A 122 0.44 22.29 25.93
N GLU A 123 1.11 22.93 24.97
CA GLU A 123 0.71 24.28 24.60
C GLU A 123 -0.65 24.29 23.90
N TYR A 124 -0.99 23.21 23.20
CA TYR A 124 -2.35 23.08 22.69
C TYR A 124 -3.37 23.11 23.83
N CYS A 125 -3.06 22.44 24.94
CA CYS A 125 -3.95 22.49 26.10
C CYS A 125 -3.96 23.88 26.72
N VAL A 126 -2.82 24.54 26.77
CA VAL A 126 -2.77 25.92 27.24
C VAL A 126 -3.72 26.79 26.42
N PHE A 127 -3.67 26.62 25.09
CA PHE A 127 -4.53 27.40 24.21
C PHE A 127 -6.01 27.10 24.46
N LEU A 128 -6.35 25.82 24.60
CA LEU A 128 -7.75 25.47 24.88
C LEU A 128 -8.21 26.02 26.22
N SER A 129 -7.33 25.99 27.24
CA SER A 129 -7.66 26.58 28.53
C SER A 129 -7.90 28.08 28.40
N CYS A 130 -7.08 28.76 27.61
CA CYS A 130 -7.25 30.20 27.43
C CYS A 130 -8.56 30.51 26.72
N ILE A 131 -8.90 29.75 25.68
CA ILE A 131 -10.18 29.95 25.00
C ILE A 131 -11.33 29.72 25.97
N ALA A 132 -11.24 28.67 26.81
CA ALA A 132 -12.31 28.37 27.74
C ALA A 132 -12.47 29.50 28.77
N MET A 133 -11.35 30.01 29.30
CA MET A 133 -11.43 31.15 30.21
C MET A 133 -12.04 32.36 29.52
N MET A 134 -11.75 32.55 28.24
CA MET A 134 -12.38 33.63 27.48
C MET A 134 -13.89 33.48 27.47
N CYS A 135 -14.38 32.40 26.85
CA CYS A 135 -15.83 32.24 26.72
C CYS A 135 -16.52 31.87 28.04
N ASN A 136 -15.83 31.92 29.19
CA ASN A 136 -16.43 31.58 30.48
C ASN A 136 -17.46 32.61 30.94
N GLU A 137 -17.65 33.70 30.21
CA GLU A 137 -18.58 34.73 30.62
C GLU A 137 -20.03 34.29 30.45
N ALA A 149 -15.79 21.16 11.49
CA ALA A 149 -16.80 20.44 12.26
C ALA A 149 -17.37 21.31 13.38
N CYS A 150 -17.87 20.66 14.43
CA CYS A 150 -18.47 21.35 15.58
C CYS A 150 -18.09 20.67 16.91
N PRO A 151 -17.73 19.36 16.92
CA PRO A 151 -17.41 18.68 18.19
C PRO A 151 -16.67 19.48 19.25
N LEU A 152 -15.56 20.13 18.89
CA LEU A 152 -14.70 20.73 19.90
C LEU A 152 -15.33 21.99 20.50
N GLU A 153 -16.03 22.77 19.69
CA GLU A 153 -16.82 23.87 20.23
C GLU A 153 -17.86 23.34 21.22
N LYS A 154 -18.47 22.21 20.90
CA LYS A 154 -19.43 21.59 21.81
C LYS A 154 -18.75 21.20 23.11
N ALA A 155 -17.54 20.65 23.02
CA ALA A 155 -16.81 20.25 24.22
C ALA A 155 -16.48 21.46 25.10
N LEU A 156 -16.15 22.58 24.47
CA LEU A 156 -15.89 23.79 25.26
C LEU A 156 -17.16 24.27 25.96
N ASP A 157 -18.27 24.33 25.23
CA ASP A 157 -19.54 24.67 25.85
C ASP A 157 -19.87 23.72 27.01
N VAL A 158 -19.54 22.44 26.84
CA VAL A 158 -19.84 21.46 27.88
C VAL A 158 -18.97 21.68 29.10
N MET A 159 -17.69 21.99 28.90
CA MET A 159 -16.83 22.34 30.03
C MET A 159 -17.42 23.51 30.82
N VAL A 160 -17.77 24.59 30.13
CA VAL A 160 -18.32 25.76 30.81
C VAL A 160 -19.59 25.39 31.55
N SER A 161 -20.51 24.68 30.88
CA SER A 161 -21.79 24.35 31.47
C SER A 161 -21.61 23.44 32.70
N THR A 162 -20.77 22.42 32.57
CA THR A 162 -20.53 21.51 33.68
C THR A 162 -19.95 22.25 34.86
N PHE A 163 -18.96 23.13 34.62
CA PHE A 163 -18.38 23.86 35.74
C PHE A 163 -19.40 24.75 36.42
N HIS A 164 -20.14 25.54 35.64
CA HIS A 164 -21.03 26.53 36.22
C HIS A 164 -22.35 25.95 36.72
N LYS A 165 -22.65 24.69 36.40
CA LYS A 165 -23.83 24.05 36.99
C LYS A 165 -23.59 23.79 38.47
N TYR A 166 -22.39 23.37 38.84
CA TYR A 166 -22.02 23.13 40.22
C TYR A 166 -21.50 24.38 40.92
N SER A 167 -20.81 25.27 40.19
CA SER A 167 -20.33 26.50 40.79
C SER A 167 -21.48 27.32 41.35
N GLY A 168 -22.52 27.54 40.54
CA GLY A 168 -23.67 28.29 40.99
C GLY A 168 -24.64 27.45 41.81
N LYS A 169 -24.16 26.89 42.92
CA LYS A 169 -24.99 26.07 43.78
C LYS A 169 -24.90 26.54 45.23
N GLU A 170 -24.04 25.92 46.03
CA GLU A 170 -23.87 26.25 47.43
C GLU A 170 -22.54 26.97 47.65
N GLY A 171 -22.57 28.00 48.50
CA GLY A 171 -21.40 28.82 48.75
C GLY A 171 -21.37 30.08 47.91
N ASP A 172 -20.20 30.41 47.36
CA ASP A 172 -20.09 31.56 46.48
C ASP A 172 -20.76 31.27 45.14
N LYS A 173 -21.40 32.28 44.57
CA LYS A 173 -22.05 32.13 43.27
C LYS A 173 -20.99 31.94 42.19
N PHE A 174 -21.02 30.79 41.52
CA PHE A 174 -20.08 30.50 40.43
C PHE A 174 -18.65 30.42 40.95
N LYS A 175 -18.49 29.78 42.10
CA LYS A 175 -17.17 29.46 42.67
C LYS A 175 -17.31 28.09 43.33
N LEU A 176 -16.62 27.08 42.80
CA LEU A 176 -16.78 25.71 43.25
C LEU A 176 -16.46 25.57 44.74
N ASN A 177 -17.48 25.36 45.56
CA ASN A 177 -17.29 25.05 46.97
C ASN A 177 -16.88 23.58 47.11
N LYS A 178 -16.17 23.28 48.19
CA LYS A 178 -15.62 21.93 48.38
C LYS A 178 -16.69 20.87 48.23
N SER A 179 -17.90 21.14 48.72
CA SER A 179 -18.98 20.16 48.62
C SER A 179 -19.42 20.00 47.16
N GLU A 180 -19.71 21.11 46.49
CA GLU A 180 -20.08 21.03 45.07
C GLU A 180 -18.92 20.56 44.21
N LEU A 181 -17.69 20.88 44.61
CA LEU A 181 -16.53 20.31 43.93
C LEU A 181 -16.52 18.79 44.03
N LYS A 182 -16.76 18.25 45.23
CA LYS A 182 -16.82 16.80 45.39
C LYS A 182 -17.94 16.21 44.54
N GLU A 183 -19.11 16.84 44.54
CA GLU A 183 -20.22 16.34 43.74
C GLU A 183 -19.85 16.31 42.26
N LEU A 184 -19.28 17.39 41.75
CA LEU A 184 -18.94 17.48 40.34
C LEU A 184 -17.85 16.47 39.97
N LEU A 185 -16.91 16.22 40.89
CA LEU A 185 -15.87 15.25 40.62
C LEU A 185 -16.40 13.82 40.70
N THR A 186 -17.49 13.61 41.47
CA THR A 186 -18.04 12.27 41.61
C THR A 186 -18.93 11.90 40.43
N ARG A 187 -19.95 12.71 40.14
CA ARG A 187 -20.96 12.34 39.15
C ARG A 187 -20.81 13.07 37.83
N GLU A 188 -19.60 13.51 37.49
CA GLU A 188 -19.39 14.17 36.20
C GLU A 188 -18.17 13.58 35.50
N LEU A 189 -17.15 13.20 36.26
CA LEU A 189 -15.96 12.54 35.73
C LEU A 189 -15.68 11.27 36.54
N PRO A 190 -16.60 10.31 36.52
CA PRO A 190 -16.49 9.15 37.41
C PRO A 190 -15.43 8.13 37.00
N SER A 191 -15.19 8.02 35.68
CA SER A 191 -14.25 7.02 35.19
C SER A 191 -12.87 7.20 35.81
N PHE A 192 -12.41 8.45 35.94
CA PHE A 192 -11.05 8.71 36.40
C PHE A 192 -10.88 8.44 37.89
N LEU A 193 -11.97 8.40 38.65
CA LEU A 193 -11.90 8.06 40.07
C LEU A 193 -11.71 6.56 40.23
N GLY A 194 -10.66 6.18 40.95
CA GLY A 194 -10.40 4.78 41.20
C GLY A 194 -11.57 4.09 41.88
N LYS A 195 -11.45 2.77 42.01
CA LYS A 195 -12.49 1.99 42.68
C LYS A 195 -12.67 2.45 44.12
N ARG A 196 -11.58 2.74 44.81
CA ARG A 196 -11.62 3.22 46.19
C ARG A 196 -11.07 4.63 46.25
N THR A 197 -11.79 5.52 46.93
CA THR A 197 -11.39 6.91 47.13
C THR A 197 -11.60 7.25 48.60
N ASP A 198 -10.65 6.83 49.44
CA ASP A 198 -10.65 7.22 50.84
C ASP A 198 -10.75 8.74 50.94
N GLU A 199 -11.50 9.21 51.94
CA GLU A 199 -11.70 10.65 52.09
C GLU A 199 -10.37 11.40 52.19
N ALA A 200 -9.32 10.73 52.69
CA ALA A 200 -8.02 11.38 52.78
C ALA A 200 -7.47 11.74 51.40
N ALA A 201 -7.52 10.80 50.46
CA ALA A 201 -7.04 11.07 49.11
C ALA A 201 -7.92 12.12 48.42
N PHE A 202 -9.23 12.07 48.65
CA PHE A 202 -10.12 13.06 48.07
C PHE A 202 -9.80 14.47 48.57
N GLN A 203 -9.54 14.60 49.87
CA GLN A 203 -9.16 15.90 50.40
C GLN A 203 -7.77 16.31 49.94
N LYS A 204 -6.86 15.36 49.76
CA LYS A 204 -5.55 15.68 49.21
C LYS A 204 -5.68 16.27 47.81
N LEU A 205 -6.55 15.67 46.98
CA LEU A 205 -6.80 16.20 45.65
C LEU A 205 -7.48 17.56 45.71
N MET A 206 -8.46 17.72 46.60
CA MET A 206 -9.06 19.04 46.82
C MET A 206 -8.00 20.09 47.13
N SER A 207 -7.05 19.75 47.99
CA SER A 207 -5.99 20.69 48.35
C SER A 207 -5.08 20.98 47.16
N ASN A 208 -4.65 19.94 46.44
CA ASN A 208 -3.80 20.16 45.27
C ASN A 208 -4.48 21.07 44.28
N LEU A 209 -5.78 20.88 44.05
CA LEU A 209 -6.52 21.75 43.14
C LEU A 209 -6.59 23.18 43.67
N ASP A 210 -6.59 23.35 44.99
CA ASP A 210 -6.69 24.67 45.62
C ASP A 210 -5.34 25.38 45.54
N SER A 211 -5.01 25.82 44.33
CA SER A 211 -3.75 26.52 44.10
C SER A 211 -3.81 27.95 44.62
N ASN A 212 -4.85 28.70 44.22
CA ASN A 212 -5.01 30.07 44.69
C ASN A 212 -5.28 30.15 46.19
N ARG A 213 -5.52 29.02 46.85
CA ARG A 213 -5.64 28.96 48.30
C ARG A 213 -6.87 29.68 48.81
N ASP A 214 -7.98 29.59 48.06
CA ASP A 214 -9.25 30.16 48.49
C ASP A 214 -10.23 29.11 49.01
N ASN A 215 -9.79 27.84 49.12
CA ASN A 215 -10.59 26.77 49.69
C ASN A 215 -11.66 26.25 48.73
N GLU A 216 -11.99 27.04 47.71
CA GLU A 216 -12.85 26.62 46.61
C GLU A 216 -11.99 26.39 45.36
N VAL A 217 -12.63 26.40 44.20
CA VAL A 217 -11.95 26.19 42.93
C VAL A 217 -12.39 27.25 41.94
N ASP A 218 -11.42 27.98 41.40
CA ASP A 218 -11.69 28.94 40.35
C ASP A 218 -11.73 28.24 38.99
N PHE A 219 -12.36 28.89 38.02
CA PHE A 219 -12.45 28.33 36.68
C PHE A 219 -11.07 28.08 36.08
N GLN A 220 -10.08 28.88 36.48
CA GLN A 220 -8.71 28.67 36.01
C GLN A 220 -8.13 27.37 36.56
N GLU A 221 -8.35 27.11 37.85
CA GLU A 221 -7.96 25.82 38.41
C GLU A 221 -8.71 24.68 37.75
N TYR A 222 -9.99 24.89 37.44
CA TYR A 222 -10.75 23.89 36.70
C TYR A 222 -10.07 23.59 35.37
N CYS A 223 -9.66 24.63 34.64
CA CYS A 223 -9.03 24.44 33.34
C CYS A 223 -7.68 23.74 33.48
N VAL A 224 -6.92 24.07 34.53
CA VAL A 224 -5.61 23.45 34.70
C VAL A 224 -5.75 21.98 35.06
N PHE A 225 -6.78 21.64 35.85
CA PHE A 225 -7.06 20.25 36.18
C PHE A 225 -7.48 19.47 34.93
N LEU A 226 -8.35 20.07 34.11
CA LEU A 226 -8.72 19.43 32.85
C LEU A 226 -7.50 19.24 31.96
N SER A 227 -6.57 20.21 31.97
CA SER A 227 -5.35 20.09 31.19
C SER A 227 -4.50 18.92 31.68
N CYS A 228 -4.38 18.76 33.00
CA CYS A 228 -3.63 17.63 33.55
C CYS A 228 -4.25 16.29 33.15
N ILE A 229 -5.58 16.20 33.21
CA ILE A 229 -6.24 14.96 32.80
C ILE A 229 -5.97 14.69 31.33
N ALA A 230 -6.12 15.72 30.49
CA ALA A 230 -5.90 15.56 29.06
C ALA A 230 -4.46 15.13 28.78
N MET A 231 -3.51 15.68 29.53
CA MET A 231 -2.11 15.31 29.28
C MET A 231 -1.84 13.89 29.72
N MET A 232 -2.49 13.43 30.78
CA MET A 232 -2.39 12.02 31.15
C MET A 232 -2.92 11.14 30.03
N CYS A 233 -4.13 11.45 29.54
CA CYS A 233 -4.69 10.70 28.42
C CYS A 233 -3.74 10.70 27.23
N ASN A 234 -3.07 11.83 26.98
CA ASN A 234 -2.14 11.91 25.86
C ASN A 234 -0.95 10.99 26.07
N GLU A 235 -0.26 11.12 27.21
CA GLU A 235 0.86 10.23 27.52
C GLU A 235 0.45 8.77 27.38
N PHE A 236 -0.79 8.44 27.71
CA PHE A 236 -1.29 7.10 27.38
C PHE A 236 -1.28 6.88 25.88
N PHE A 237 -1.96 7.76 25.13
CA PHE A 237 -1.93 7.69 23.68
C PHE A 237 -0.50 7.79 23.15
N GLU A 238 0.13 8.93 23.37
CA GLU A 238 1.50 9.14 22.88
C GLU A 238 2.40 8.01 23.34
N GLY A 239 3.47 7.77 22.59
CA GLY A 239 4.42 6.72 22.91
C GLY A 239 3.92 5.34 22.55
N PHE A 240 3.73 4.48 23.55
CA PHE A 240 3.25 3.14 23.30
C PHE A 240 1.72 3.12 23.16
N THR A 241 1.22 1.97 22.73
CA THR A 241 -0.20 1.78 22.42
C THR A 241 -0.78 2.97 21.67
N SER A 242 -0.01 3.51 20.73
CA SER A 242 -0.51 4.60 19.90
C SER A 242 -1.61 4.15 18.96
N ALA A 243 -1.99 2.88 19.02
CA ALA A 243 -3.16 2.35 18.34
C ALA A 243 -4.46 2.71 19.05
N TYR A 244 -4.40 3.62 20.03
CA TYR A 244 -5.61 4.12 20.67
C TYR A 244 -6.62 4.69 19.69
N THR A 245 -6.23 4.88 18.43
CA THR A 245 -7.12 5.18 17.33
C THR A 245 -7.70 3.91 16.72
N ASN A 246 -7.74 2.81 17.49
CA ASN A 246 -8.31 1.54 17.04
C ASN A 246 -7.61 1.02 15.79
N PHE A 247 -6.29 1.18 15.74
CA PHE A 247 -5.49 0.67 14.63
C PHE A 247 -5.02 -0.75 14.94
N ASP A 248 -5.60 -1.72 14.24
CA ASP A 248 -5.15 -3.11 14.30
C ASP A 248 -4.63 -3.48 12.92
N ALA A 249 -3.35 -3.81 12.83
CA ALA A 249 -2.78 -4.20 11.55
C ALA A 249 -3.39 -5.51 11.06
N GLU A 250 -3.66 -6.45 11.97
CA GLU A 250 -4.26 -7.71 11.54
C GLU A 250 -5.68 -7.51 11.03
N ARG A 251 -6.43 -6.59 11.64
CA ARG A 251 -7.78 -6.30 11.16
C ARG A 251 -7.75 -5.76 9.75
N ASP A 252 -6.83 -4.83 9.49
CA ASP A 252 -6.74 -4.25 8.16
C ASP A 252 -6.29 -5.30 7.14
N ALA A 253 -5.25 -6.07 7.47
CA ALA A 253 -4.81 -7.12 6.56
C ALA A 253 -5.96 -8.04 6.21
N LEU A 254 -6.72 -8.48 7.21
CA LEU A 254 -7.85 -9.38 6.97
C LEU A 254 -8.90 -8.73 6.07
N ASN A 255 -9.22 -7.46 6.33
CA ASN A 255 -10.23 -6.79 5.51
C ASN A 255 -9.78 -6.64 4.07
N ILE A 256 -8.50 -6.37 3.85
CA ILE A 256 -8.07 -6.19 2.47
C ILE A 256 -7.91 -7.54 1.79
N GLU A 257 -7.62 -8.60 2.56
CA GLU A 257 -7.58 -9.94 1.97
C GLU A 257 -8.97 -10.39 1.55
N THR A 258 -9.99 -10.02 2.31
CA THR A 258 -11.35 -10.33 1.86
C THR A 258 -11.76 -9.42 0.71
N ALA A 259 -11.22 -8.18 0.68
CA ALA A 259 -11.50 -7.27 -0.42
C ALA A 259 -10.85 -7.71 -1.73
N ILE A 260 -9.68 -8.36 -1.65
CA ILE A 260 -9.13 -9.02 -2.83
C ILE A 260 -9.97 -10.23 -3.19
N LYS A 261 -10.25 -11.09 -2.21
CA LYS A 261 -11.04 -12.30 -2.42
C LYS A 261 -12.53 -12.03 -2.42
N THR A 262 -12.99 -11.06 -3.21
CA THR A 262 -14.40 -10.84 -3.40
C THR A 262 -14.67 -10.69 -4.90
N LYS A 263 -15.95 -10.62 -5.26
CA LYS A 263 -16.33 -10.60 -6.67
C LYS A 263 -15.82 -9.32 -7.31
N GLY A 264 -14.90 -9.45 -8.27
CA GLY A 264 -14.34 -8.30 -8.97
C GLY A 264 -13.38 -7.46 -8.17
N VAL A 265 -13.06 -7.86 -6.93
CA VAL A 265 -12.13 -7.16 -6.05
C VAL A 265 -12.78 -5.90 -5.48
N ASP A 266 -12.81 -5.80 -4.16
CA ASP A 266 -13.36 -4.64 -3.48
C ASP A 266 -12.26 -3.58 -3.41
N GLU A 267 -12.06 -2.92 -4.56
CA GLU A 267 -11.06 -1.86 -4.63
C GLU A 267 -11.42 -0.69 -3.71
N VAL A 268 -12.72 -0.47 -3.49
CA VAL A 268 -13.15 0.61 -2.61
C VAL A 268 -12.59 0.42 -1.22
N THR A 269 -12.67 -0.80 -0.68
CA THR A 269 -12.19 -1.03 0.68
C THR A 269 -10.67 -1.00 0.73
N ILE A 270 -10.01 -1.60 -0.26
CA ILE A 270 -8.55 -1.53 -0.32
C ILE A 270 -8.10 -0.08 -0.25
N VAL A 271 -8.66 0.78 -1.10
CA VAL A 271 -8.37 2.21 -1.04
C VAL A 271 -8.70 2.76 0.34
N ASN A 272 -9.98 2.75 0.71
CA ASN A 272 -10.45 3.34 1.97
C ASN A 272 -9.55 3.02 3.14
N ILE A 273 -9.05 1.80 3.23
CA ILE A 273 -8.15 1.43 4.32
C ILE A 273 -6.72 1.88 4.01
N LEU A 274 -6.09 1.27 3.00
CA LEU A 274 -4.68 1.52 2.72
C LEU A 274 -4.37 3.01 2.65
N THR A 275 -5.10 3.74 1.82
CA THR A 275 -4.80 5.14 1.58
C THR A 275 -5.18 6.03 2.76
N ASN A 276 -5.56 5.49 3.91
CA ASN A 276 -5.87 6.29 5.08
C ASN A 276 -5.08 5.89 6.31
N ARG A 277 -3.99 5.15 6.12
CA ARG A 277 -3.05 4.84 7.19
C ARG A 277 -1.69 5.47 6.86
N SER A 278 -0.95 5.81 7.90
CA SER A 278 0.41 6.29 7.73
C SER A 278 1.26 5.23 7.05
N ASN A 279 2.35 5.68 6.40
CA ASN A 279 3.28 4.75 5.78
C ASN A 279 3.72 3.67 6.76
N GLU A 280 3.97 4.05 8.02
CA GLU A 280 4.31 3.06 9.04
C GLU A 280 3.16 2.10 9.28
N GLN A 281 1.95 2.63 9.43
CA GLN A 281 0.80 1.75 9.61
C GLN A 281 0.66 0.78 8.43
N ARG A 282 0.95 1.25 7.22
CA ARG A 282 0.94 0.36 6.07
C ARG A 282 2.03 -0.70 6.19
N GLN A 283 3.19 -0.35 6.74
CA GLN A 283 4.22 -1.36 6.96
C GLN A 283 3.73 -2.44 7.91
N ASP A 284 3.09 -2.01 9.00
CA ASP A 284 2.54 -2.98 9.96
C ASP A 284 1.47 -3.84 9.29
N ILE A 285 0.66 -3.25 8.41
CA ILE A 285 -0.40 -4.01 7.75
C ILE A 285 0.18 -5.00 6.75
N ALA A 286 1.25 -4.60 6.05
CA ALA A 286 1.92 -5.52 5.14
C ALA A 286 2.54 -6.68 5.90
N PHE A 287 3.15 -6.39 7.06
CA PHE A 287 3.71 -7.45 7.88
C PHE A 287 2.63 -8.41 8.36
N ALA A 288 1.51 -7.86 8.83
CA ALA A 288 0.40 -8.70 9.29
C ALA A 288 -0.11 -9.58 8.17
N TYR A 289 -0.31 -9.00 6.98
CA TYR A 289 -0.79 -9.76 5.84
C TYR A 289 0.17 -10.90 5.51
N GLN A 290 1.47 -10.60 5.46
CA GLN A 290 2.44 -11.64 5.13
C GLN A 290 2.44 -12.74 6.17
N ARG A 291 2.34 -12.38 7.46
CA ARG A 291 2.30 -13.42 8.49
C ARG A 291 1.03 -14.26 8.39
N ARG A 292 -0.09 -13.64 8.00
CA ARG A 292 -1.35 -14.37 7.96
C ARG A 292 -1.49 -15.23 6.72
N THR A 293 -0.89 -14.84 5.59
CA THR A 293 -1.10 -15.55 4.33
C THR A 293 0.18 -16.04 3.68
N LYS A 294 1.35 -15.74 4.23
CA LYS A 294 2.62 -16.13 3.62
C LYS A 294 2.73 -15.63 2.18
N LYS A 295 2.02 -14.54 1.86
CA LYS A 295 2.12 -13.85 0.58
C LYS A 295 2.25 -12.36 0.84
N GLU A 296 3.29 -11.75 0.29
CA GLU A 296 3.54 -10.33 0.56
C GLU A 296 2.39 -9.47 0.03
N LEU A 297 1.96 -8.52 0.84
CA LEU A 297 0.83 -7.67 0.45
C LEU A 297 1.11 -6.97 -0.89
N ALA A 298 2.36 -6.56 -1.10
CA ALA A 298 2.72 -5.95 -2.38
C ALA A 298 2.40 -6.88 -3.54
N SER A 299 2.88 -8.13 -3.47
CA SER A 299 2.65 -9.07 -4.57
C SER A 299 1.16 -9.34 -4.76
N ALA A 300 0.43 -9.51 -3.66
CA ALA A 300 -1.00 -9.78 -3.76
C ALA A 300 -1.72 -8.64 -4.46
N LEU A 301 -1.45 -7.40 -4.04
CA LEU A 301 -2.15 -6.26 -4.61
C LEU A 301 -1.65 -5.91 -6.00
N LYS A 302 -0.41 -6.27 -6.32
CA LYS A 302 0.08 -6.09 -7.68
C LYS A 302 -0.65 -7.06 -8.61
N SER A 303 -0.71 -8.33 -8.24
CA SER A 303 -1.43 -9.30 -9.03
C SER A 303 -2.93 -9.09 -9.01
N ALA A 304 -3.45 -8.27 -8.10
CA ALA A 304 -4.90 -8.09 -7.97
C ALA A 304 -5.37 -6.67 -8.28
N LEU A 305 -4.50 -5.80 -8.79
CA LEU A 305 -4.87 -4.41 -9.03
C LEU A 305 -4.57 -4.01 -10.46
N SER A 306 -5.21 -2.91 -10.87
CA SER A 306 -5.39 -2.55 -12.28
C SER A 306 -4.93 -1.12 -12.54
N GLY A 307 -3.81 -0.98 -13.24
CA GLY A 307 -3.45 0.33 -13.78
C GLY A 307 -3.03 1.34 -12.71
N HIS A 308 -3.51 2.58 -12.88
CA HIS A 308 -3.03 3.67 -12.03
C HIS A 308 -3.32 3.42 -10.56
N LEU A 309 -4.45 2.79 -10.25
CA LEU A 309 -4.71 2.41 -8.86
C LEU A 309 -3.64 1.44 -8.36
N GLU A 310 -3.25 0.49 -9.20
CA GLU A 310 -2.11 -0.37 -8.86
C GLU A 310 -0.87 0.46 -8.57
N THR A 311 -0.62 1.48 -9.39
CA THR A 311 0.58 2.30 -9.20
C THR A 311 0.53 3.06 -7.88
N VAL A 312 -0.61 3.70 -7.60
CA VAL A 312 -0.79 4.43 -6.35
C VAL A 312 -0.59 3.50 -5.15
N ILE A 313 -1.27 2.35 -5.17
CA ILE A 313 -1.25 1.44 -4.02
C ILE A 313 0.15 0.87 -3.81
N LEU A 314 0.80 0.42 -4.89
CA LEU A 314 2.14 -0.14 -4.75
C LEU A 314 3.13 0.92 -4.28
N GLY A 315 2.98 2.16 -4.75
CA GLY A 315 3.82 3.23 -4.22
C GLY A 315 3.54 3.53 -2.77
N LEU A 316 2.27 3.42 -2.34
CA LEU A 316 1.93 3.68 -0.95
C LEU A 316 2.45 2.58 -0.04
N LEU A 317 2.61 1.36 -0.55
CA LEU A 317 3.15 0.29 0.28
C LEU A 317 4.65 0.44 0.48
N LYS A 318 5.37 0.82 -0.57
CA LYS A 318 6.82 1.02 -0.47
C LYS A 318 7.13 2.09 0.57
N THR A 319 8.12 1.81 1.42
CA THR A 319 8.54 2.83 2.38
C THR A 319 9.11 4.01 1.62
N PRO A 320 9.10 5.19 2.24
CA PRO A 320 9.61 6.38 1.56
C PRO A 320 10.91 6.13 0.82
N ALA A 321 11.98 5.77 1.54
CA ALA A 321 13.27 5.60 0.88
C ALA A 321 13.18 4.57 -0.24
N GLN A 322 12.47 3.46 0.00
CA GLN A 322 12.31 2.44 -1.03
C GLN A 322 11.58 2.99 -2.25
N TYR A 323 10.50 3.75 -2.01
CA TYR A 323 9.78 4.36 -3.13
C TYR A 323 10.68 5.27 -3.95
N ASP A 324 11.41 6.16 -3.26
CA ASP A 324 12.28 7.09 -3.98
C ASP A 324 13.36 6.35 -4.75
N ALA A 325 13.94 5.31 -4.16
CA ALA A 325 14.99 4.57 -4.84
C ALA A 325 14.43 3.86 -6.08
N SER A 326 13.23 3.32 -5.97
CA SER A 326 12.62 2.65 -7.11
C SER A 326 12.33 3.65 -8.23
N GLU A 327 11.89 4.85 -7.85
CA GLU A 327 11.58 5.88 -8.85
C GLU A 327 12.86 6.35 -9.55
N LEU A 328 13.94 6.56 -8.78
CA LEU A 328 15.22 6.89 -9.40
C LEU A 328 15.64 5.81 -10.39
N LYS A 329 15.52 4.54 -9.97
CA LYS A 329 15.89 3.46 -10.87
C LYS A 329 15.06 3.48 -12.14
N ALA A 330 13.74 3.62 -12.00
CA ALA A 330 12.88 3.70 -13.17
C ALA A 330 13.33 4.81 -14.10
N SER A 331 13.57 6.00 -13.54
CA SER A 331 13.98 7.14 -14.36
C SER A 331 15.30 6.88 -15.07
N MET A 332 16.17 6.07 -14.47
CA MET A 332 17.45 5.76 -15.10
C MET A 332 17.47 4.41 -15.80
N LYS A 333 16.72 3.43 -15.32
CA LYS A 333 16.79 2.08 -15.88
C LYS A 333 16.10 2.05 -17.24
N GLY A 334 16.88 1.93 -18.31
CA GLY A 334 16.35 1.88 -19.65
C GLY A 334 17.39 2.35 -20.65
N LEU A 335 16.92 2.58 -21.88
CA LEU A 335 17.81 3.06 -22.94
C LEU A 335 18.18 4.53 -22.74
N GLY A 336 17.18 5.39 -22.58
CA GLY A 336 17.47 6.80 -22.35
C GLY A 336 17.50 7.19 -20.88
N THR A 337 16.95 8.36 -20.56
CA THR A 337 16.89 8.85 -19.20
C THR A 337 15.64 9.69 -19.00
N ASP A 338 14.99 9.52 -17.85
CA ASP A 338 13.84 10.34 -17.49
C ASP A 338 14.38 11.52 -16.69
N GLU A 339 14.81 12.56 -17.41
CA GLU A 339 15.43 13.69 -16.73
C GLU A 339 14.48 14.33 -15.73
N ASP A 340 13.19 14.43 -16.07
CA ASP A 340 12.27 15.20 -15.23
C ASP A 340 12.10 14.56 -13.86
N SER A 341 11.92 13.24 -13.80
CA SER A 341 11.70 12.56 -12.52
C SER A 341 12.97 12.51 -11.70
N LEU A 342 14.09 12.18 -12.33
CA LEU A 342 15.38 12.25 -11.67
C LEU A 342 15.60 13.63 -11.05
N ILE A 343 15.38 14.68 -11.84
CA ILE A 343 15.54 16.04 -11.35
C ILE A 343 14.65 16.29 -10.15
N GLU A 344 13.36 15.97 -10.27
CA GLU A 344 12.43 16.23 -9.18
C GLU A 344 12.91 15.58 -7.89
N ILE A 345 13.32 14.32 -7.97
CA ILE A 345 13.65 13.58 -6.75
C ILE A 345 14.98 14.08 -6.17
N ILE A 346 15.99 14.28 -7.01
CA ILE A 346 17.29 14.72 -6.51
C ILE A 346 17.29 16.19 -6.10
N CYS A 347 16.29 16.97 -6.47
CA CYS A 347 16.23 18.36 -6.07
C CYS A 347 15.24 18.63 -4.95
N SER A 348 14.35 17.68 -4.63
CA SER A 348 13.39 17.90 -3.57
C SER A 348 13.69 17.13 -2.29
N ARG A 349 14.73 16.31 -2.29
CA ARG A 349 15.07 15.52 -1.12
C ARG A 349 16.21 16.17 -0.34
N THR A 350 16.18 16.00 0.98
CA THR A 350 17.09 16.61 1.92
C THR A 350 18.27 15.66 2.21
N ASN A 351 19.16 16.10 3.11
CA ASN A 351 20.36 15.32 3.38
C ASN A 351 20.04 13.97 4.00
N GLN A 352 19.19 13.97 5.03
CA GLN A 352 18.82 12.70 5.67
C GLN A 352 18.06 11.81 4.70
N GLU A 353 17.06 12.38 4.02
CA GLU A 353 16.35 11.65 2.98
C GLU A 353 17.33 11.09 1.94
N LEU A 354 18.32 11.87 1.54
CA LEU A 354 19.22 11.41 0.50
C LEU A 354 20.16 10.32 1.00
N GLN A 355 20.59 10.40 2.25
CA GLN A 355 21.42 9.33 2.81
C GLN A 355 20.64 8.03 2.88
N GLU A 356 19.43 8.09 3.47
CA GLU A 356 18.58 6.91 3.53
C GLU A 356 18.30 6.35 2.13
N ILE A 357 18.07 7.24 1.16
CA ILE A 357 17.81 6.81 -0.20
C ILE A 357 19.03 6.13 -0.80
N ASN A 358 20.23 6.66 -0.55
CA ASN A 358 21.44 6.06 -1.09
C ASN A 358 21.62 4.65 -0.55
N ARG A 359 21.42 4.46 0.75
CA ARG A 359 21.67 3.13 1.32
C ARG A 359 20.59 2.14 0.89
N VAL A 360 19.32 2.58 0.87
CA VAL A 360 18.25 1.72 0.38
C VAL A 360 18.48 1.35 -1.08
N TYR A 361 19.04 2.27 -1.86
CA TYR A 361 19.35 1.98 -3.26
C TYR A 361 20.41 0.89 -3.37
N LYS A 362 21.49 1.04 -2.61
CA LYS A 362 22.53 0.02 -2.62
C LYS A 362 21.98 -1.34 -2.19
N GLU A 363 21.03 -1.35 -1.24
CA GLU A 363 20.40 -2.60 -0.84
C GLU A 363 19.58 -3.20 -1.99
N MET A 364 18.63 -2.43 -2.49
CA MET A 364 17.65 -2.95 -3.45
C MET A 364 18.30 -3.37 -4.77
N TYR A 365 19.18 -2.54 -5.32
CA TYR A 365 19.69 -2.80 -6.66
C TYR A 365 21.17 -3.17 -6.69
N LYS A 366 21.76 -3.45 -5.52
CA LYS A 366 23.14 -3.94 -5.40
C LYS A 366 24.16 -3.04 -6.10
N THR A 367 23.78 -1.78 -6.38
CA THR A 367 24.68 -0.80 -6.99
C THR A 367 24.39 0.56 -6.40
N ASP A 368 25.41 1.41 -6.38
CA ASP A 368 25.26 2.74 -5.79
C ASP A 368 24.41 3.64 -6.68
N LEU A 369 23.53 4.43 -6.06
CA LEU A 369 22.74 5.40 -6.81
C LEU A 369 23.66 6.33 -7.59
N GLU A 370 24.74 6.79 -6.97
CA GLU A 370 25.68 7.64 -7.66
C GLU A 370 26.26 6.97 -8.89
N LYS A 371 26.54 5.66 -8.81
CA LYS A 371 27.08 4.97 -9.97
C LYS A 371 26.11 5.03 -11.14
N ASP A 372 24.82 4.73 -10.90
CA ASP A 372 23.83 4.79 -11.97
C ASP A 372 23.63 6.21 -12.48
N ILE A 373 23.68 7.20 -11.58
CA ILE A 373 23.58 8.59 -12.00
C ILE A 373 24.73 8.93 -12.95
N ILE A 374 25.95 8.47 -12.62
CA ILE A 374 27.09 8.76 -13.48
C ILE A 374 26.98 8.02 -14.80
N SER A 375 26.41 6.82 -14.79
CA SER A 375 26.33 6.04 -16.02
C SER A 375 25.18 6.48 -16.93
N ASP A 376 24.18 7.19 -16.40
CA ASP A 376 23.01 7.53 -17.21
C ASP A 376 22.98 8.98 -17.66
N THR A 377 23.86 9.85 -17.16
CA THR A 377 23.91 11.25 -17.54
C THR A 377 25.34 11.64 -17.90
N SER A 378 25.53 12.87 -18.35
CA SER A 378 26.85 13.34 -18.75
C SER A 378 26.96 14.85 -18.63
N GLY A 379 28.21 15.32 -18.52
CA GLY A 379 28.48 16.75 -18.53
C GLY A 379 28.08 17.46 -17.24
N ASP A 380 27.79 18.76 -17.38
CA ASP A 380 27.45 19.56 -16.21
C ASP A 380 26.18 19.07 -15.52
N PHE A 381 25.26 18.47 -16.28
CA PHE A 381 24.07 17.90 -15.65
C PHE A 381 24.43 16.73 -14.75
N ARG A 382 25.32 15.85 -15.22
CA ARG A 382 25.86 14.80 -14.38
C ARG A 382 26.53 15.37 -13.15
N LYS A 383 27.32 16.43 -13.32
CA LYS A 383 27.99 17.05 -12.17
C LYS A 383 26.98 17.52 -11.14
N LEU A 384 25.98 18.29 -11.58
CA LEU A 384 24.98 18.83 -10.66
C LEU A 384 24.22 17.72 -9.95
N MET A 385 23.73 16.75 -10.72
CA MET A 385 22.99 15.64 -10.12
C MET A 385 23.83 14.92 -9.08
N VAL A 386 25.05 14.53 -9.45
CA VAL A 386 25.93 13.84 -8.50
C VAL A 386 26.08 14.68 -7.24
N ALA A 387 26.54 15.93 -7.41
CA ALA A 387 26.78 16.80 -6.25
C ALA A 387 25.56 16.83 -5.33
N LEU A 388 24.37 17.02 -5.90
CA LEU A 388 23.18 17.13 -5.06
C LEU A 388 22.87 15.83 -4.35
N ALA A 389 23.03 14.70 -5.06
CA ALA A 389 22.61 13.41 -4.51
C ALA A 389 23.42 12.97 -3.30
N LYS A 390 24.62 13.53 -3.11
CA LYS A 390 25.45 13.15 -1.96
C LYS A 390 24.81 13.52 -0.63
N GLY A 391 23.76 14.34 -0.63
CA GLY A 391 23.14 14.73 0.63
C GLY A 391 24.07 15.40 1.60
N ARG A 392 25.16 15.97 1.11
CA ARG A 392 26.18 16.61 1.93
C ARG A 392 26.01 18.13 2.00
N ARG A 393 24.84 18.64 1.61
CA ARG A 393 24.56 20.06 1.79
C ARG A 393 24.77 20.46 3.24
N ALA A 394 25.33 21.65 3.46
CA ALA A 394 25.54 22.13 4.82
C ALA A 394 24.20 22.24 5.54
N GLU A 395 24.22 21.97 6.85
CA GLU A 395 22.97 22.00 7.61
C GLU A 395 22.61 23.43 7.98
N ASP A 396 21.30 23.66 8.10
CA ASP A 396 20.80 24.99 8.39
C ASP A 396 21.43 25.51 9.68
N GLY A 397 22.27 26.55 9.59
CA GLY A 397 22.96 27.07 10.74
C GLY A 397 22.16 28.13 11.51
N SER A 398 22.68 28.49 12.68
CA SER A 398 22.02 29.45 13.56
C SER A 398 22.38 30.89 13.26
N VAL A 399 23.61 31.13 12.82
CA VAL A 399 24.09 32.48 12.52
C VAL A 399 23.83 32.78 11.06
N ILE A 400 23.41 34.02 10.78
CA ILE A 400 23.22 34.50 9.42
C ILE A 400 24.56 35.07 8.95
N ASP A 401 25.17 34.45 7.94
CA ASP A 401 26.47 34.89 7.44
C ASP A 401 26.27 35.95 6.37
N TYR A 402 26.03 37.19 6.83
CA TYR A 402 25.68 38.27 5.93
C TYR A 402 26.76 38.51 4.88
N GLU A 403 28.01 38.56 5.31
CA GLU A 403 29.10 38.72 4.35
C GLU A 403 29.14 37.57 3.37
N LEU A 404 28.87 36.35 3.85
CA LEU A 404 28.86 35.21 2.94
C LEU A 404 27.67 35.27 1.99
N ILE A 405 26.50 35.67 2.49
CA ILE A 405 25.35 35.88 1.61
C ILE A 405 25.73 36.82 0.47
N ASP A 406 26.26 37.99 0.82
CA ASP A 406 26.60 38.96 -0.22
C ASP A 406 27.68 38.43 -1.15
N GLN A 407 28.74 37.85 -0.59
CA GLN A 407 29.81 37.32 -1.43
C GLN A 407 29.28 36.27 -2.39
N ASP A 408 28.39 35.40 -1.92
CA ASP A 408 27.86 34.35 -2.80
C ASP A 408 26.95 34.94 -3.87
N ALA A 409 26.09 35.90 -3.52
CA ALA A 409 25.28 36.54 -4.55
C ALA A 409 26.15 37.18 -5.61
N ARG A 410 27.19 37.91 -5.19
CA ARG A 410 28.06 38.56 -6.15
C ARG A 410 28.83 37.53 -6.96
N ASP A 411 29.22 36.39 -6.36
CA ASP A 411 29.90 35.37 -7.14
C ASP A 411 28.97 34.77 -8.18
N LEU A 412 27.71 34.56 -7.82
CA LEU A 412 26.74 34.05 -8.79
C LEU A 412 26.56 35.03 -9.94
N TYR A 413 26.44 36.33 -9.62
CA TYR A 413 26.31 37.32 -10.68
C TYR A 413 27.54 37.32 -11.58
N ASP A 414 28.74 37.37 -10.97
CA ASP A 414 29.96 37.42 -11.76
C ASP A 414 30.14 36.18 -12.64
N ALA A 415 29.65 35.02 -12.19
CA ALA A 415 29.83 33.79 -12.97
C ALA A 415 28.75 33.58 -14.02
N GLY A 416 27.64 34.32 -13.97
CA GLY A 416 26.55 34.06 -14.88
C GLY A 416 26.23 35.18 -15.83
N VAL A 417 25.44 36.14 -15.37
CA VAL A 417 24.93 37.20 -16.23
C VAL A 417 26.00 38.24 -16.55
N LYS A 418 26.89 38.53 -15.61
CA LYS A 418 27.86 39.60 -15.83
C LYS A 418 28.80 39.28 -16.99
N ARG A 419 29.14 38.01 -17.18
CA ARG A 419 30.17 37.64 -18.12
C ARG A 419 29.58 37.07 -19.42
N LYS A 420 30.46 36.75 -20.34
CA LYS A 420 30.11 35.97 -21.52
C LYS A 420 30.25 34.49 -21.18
N GLY A 421 29.15 33.75 -21.28
CA GLY A 421 29.14 32.37 -20.86
C GLY A 421 28.66 32.22 -19.43
N THR A 422 29.02 31.09 -18.83
CA THR A 422 28.62 30.84 -17.45
C THR A 422 29.61 29.90 -16.79
N ASP A 423 30.04 30.24 -15.57
CA ASP A 423 30.95 29.40 -14.78
C ASP A 423 30.10 28.37 -14.05
N VAL A 424 29.78 27.28 -14.75
CA VAL A 424 28.89 26.27 -14.17
C VAL A 424 29.43 25.70 -12.87
N PRO A 425 30.73 25.38 -12.75
CA PRO A 425 31.22 24.87 -11.46
C PRO A 425 30.95 25.79 -10.28
N LYS A 426 31.07 27.11 -10.46
CA LYS A 426 30.77 28.02 -9.34
C LYS A 426 29.31 27.90 -8.91
N TRP A 427 28.39 27.94 -9.89
CA TRP A 427 26.98 27.75 -9.57
C TRP A 427 26.76 26.43 -8.84
N ILE A 428 27.37 25.36 -9.34
CA ILE A 428 27.22 24.05 -8.71
C ILE A 428 27.64 24.13 -7.25
N SER A 429 28.86 24.62 -6.99
CA SER A 429 29.33 24.73 -5.62
C SER A 429 28.34 25.50 -4.76
N ILE A 430 28.06 26.75 -5.13
CA ILE A 430 27.30 27.63 -4.26
C ILE A 430 25.87 27.14 -4.07
N MET A 431 25.34 26.36 -5.00
CA MET A 431 23.96 25.91 -4.91
C MET A 431 23.78 24.52 -4.32
N THR A 432 24.84 23.70 -4.30
CA THR A 432 24.74 22.40 -3.63
C THR A 432 25.28 22.43 -2.21
N GLU A 433 26.26 23.28 -1.91
CA GLU A 433 26.96 23.25 -0.64
C GLU A 433 26.34 24.15 0.43
N ARG A 434 25.73 25.27 0.04
CA ARG A 434 25.17 26.17 1.04
C ARG A 434 23.88 25.60 1.62
N SER A 435 23.51 26.10 2.81
CA SER A 435 22.23 25.74 3.40
C SER A 435 21.10 26.30 2.55
N VAL A 436 19.86 26.09 3.01
CA VAL A 436 18.69 26.52 2.25
C VAL A 436 18.30 27.94 2.65
N PRO A 437 18.26 28.28 3.93
CA PRO A 437 17.91 29.67 4.29
C PRO A 437 18.99 30.66 3.89
N HIS A 438 20.24 30.25 4.04
CA HIS A 438 21.34 31.06 3.55
C HIS A 438 21.19 31.31 2.06
N LEU A 439 20.84 30.27 1.31
CA LEU A 439 20.71 30.40 -0.14
C LEU A 439 19.49 31.25 -0.53
N GLN A 440 18.42 31.19 0.27
CA GLN A 440 17.28 32.06 0.00
C GLN A 440 17.69 33.52 0.15
N LYS A 441 18.40 33.84 1.24
CA LYS A 441 18.96 35.18 1.37
C LYS A 441 19.90 35.50 0.22
N VAL A 442 20.73 34.53 -0.17
CA VAL A 442 21.65 34.73 -1.28
C VAL A 442 20.89 35.14 -2.53
N PHE A 443 19.77 34.50 -2.79
CA PHE A 443 19.00 34.85 -3.98
C PHE A 443 18.40 36.25 -3.86
N ASP A 444 17.81 36.57 -2.70
CA ASP A 444 17.27 37.91 -2.52
CA ASP A 444 17.26 37.91 -2.57
C ASP A 444 18.34 38.97 -2.71
N ARG A 445 19.59 38.64 -2.39
CA ARG A 445 20.69 39.58 -2.57
C ARG A 445 21.13 39.65 -4.02
N TYR A 446 21.23 38.49 -4.67
CA TYR A 446 21.49 38.43 -6.10
C TYR A 446 20.54 39.33 -6.88
N LYS A 447 19.29 39.41 -6.42
CA LYS A 447 18.35 40.34 -7.05
C LYS A 447 18.81 41.79 -6.94
N SER A 448 19.77 42.10 -6.07
CA SER A 448 20.27 43.45 -5.92
C SER A 448 21.42 43.77 -6.86
N TYR A 449 22.10 42.76 -7.41
CA TYR A 449 23.15 43.00 -8.38
C TYR A 449 22.70 42.77 -9.81
N SER A 450 21.75 41.87 -10.04
CA SER A 450 21.33 41.45 -11.36
C SER A 450 19.92 41.95 -11.66
N PRO A 451 19.66 42.43 -12.88
CA PRO A 451 18.30 42.90 -13.20
C PRO A 451 17.35 41.76 -13.45
N TYR A 452 17.86 40.55 -13.73
CA TYR A 452 17.06 39.35 -13.91
C TYR A 452 17.26 38.49 -12.67
N ASP A 453 16.17 37.95 -12.15
CA ASP A 453 16.25 37.17 -10.92
C ASP A 453 16.92 35.83 -11.23
N MET A 454 16.99 34.97 -10.21
CA MET A 454 17.76 33.74 -10.30
C MET A 454 17.18 32.77 -11.34
N LEU A 455 15.86 32.59 -11.33
CA LEU A 455 15.25 31.74 -12.35
C LEU A 455 15.48 32.33 -13.75
N GLU A 456 15.18 33.63 -13.92
CA GLU A 456 15.39 34.27 -15.22
C GLU A 456 16.85 34.19 -15.65
N SER A 457 17.77 34.35 -14.70
CA SER A 457 19.19 34.30 -15.05
C SER A 457 19.58 32.89 -15.50
N ILE A 458 18.98 31.87 -14.87
CA ILE A 458 19.22 30.50 -15.28
C ILE A 458 18.74 30.30 -16.72
N ARG A 459 17.51 30.71 -16.99
CA ARG A 459 16.98 30.59 -18.34
C ARG A 459 17.87 31.31 -19.35
N LYS A 460 18.49 32.43 -18.95
CA LYS A 460 19.29 33.20 -19.90
C LYS A 460 20.70 32.67 -20.09
N GLU A 461 21.26 31.97 -19.10
CA GLU A 461 22.67 31.59 -19.12
C GLU A 461 22.92 30.12 -19.46
N VAL A 462 21.94 29.24 -19.26
CA VAL A 462 22.11 27.82 -19.56
C VAL A 462 20.91 27.34 -20.37
N LYS A 463 21.00 26.09 -20.83
CA LYS A 463 19.92 25.52 -21.64
C LYS A 463 19.85 24.03 -21.40
N GLY A 464 18.68 23.46 -21.74
CA GLY A 464 18.53 22.01 -21.72
C GLY A 464 18.34 21.42 -20.33
N ASP A 465 18.94 20.25 -20.14
CA ASP A 465 18.79 19.53 -18.88
C ASP A 465 19.38 20.31 -17.73
N LEU A 466 20.55 20.93 -17.94
CA LEU A 466 21.14 21.76 -16.89
C LEU A 466 20.21 22.89 -16.50
N GLU A 467 19.61 23.57 -17.48
CA GLU A 467 18.67 24.64 -17.18
C GLU A 467 17.48 24.12 -16.40
N ASN A 468 16.94 22.96 -16.78
CA ASN A 468 15.79 22.43 -16.07
C ASN A 468 16.14 22.05 -14.64
N ALA A 469 17.31 21.43 -14.45
CA ALA A 469 17.76 21.06 -13.13
C ALA A 469 17.95 22.29 -12.24
N PHE A 470 18.57 23.34 -12.78
CA PHE A 470 18.77 24.54 -11.99
C PHE A 470 17.43 25.20 -11.64
N LEU A 471 16.49 25.23 -12.59
CA LEU A 471 15.19 25.81 -12.28
C LEU A 471 14.50 25.04 -11.17
N ASN A 472 14.57 23.71 -11.22
CA ASN A 472 14.00 22.89 -10.16
C ASN A 472 14.66 23.15 -8.82
N LEU A 473 15.99 23.07 -8.79
CA LEU A 473 16.72 23.28 -7.55
C LEU A 473 16.34 24.60 -6.90
N VAL A 474 16.28 25.68 -7.70
CA VAL A 474 16.02 26.99 -7.10
C VAL A 474 14.56 27.09 -6.66
N GLN A 475 13.64 26.49 -7.41
CA GLN A 475 12.25 26.48 -6.95
C GLN A 475 12.12 25.73 -5.63
N CYS A 476 12.88 24.65 -5.47
CA CYS A 476 12.83 23.89 -4.22
C CYS A 476 13.43 24.69 -3.07
N ILE A 477 14.49 25.45 -3.36
CA ILE A 477 15.12 26.22 -2.30
C ILE A 477 14.26 27.40 -1.88
N GLN A 478 13.45 27.94 -2.79
CA GLN A 478 12.68 29.14 -2.48
C GLN A 478 11.29 28.83 -1.91
N ASN A 479 10.64 27.79 -2.41
CA ASN A 479 9.31 27.44 -1.94
C ASN A 479 8.98 26.05 -2.48
N LYS A 480 9.09 25.04 -1.63
CA LYS A 480 8.95 23.66 -2.06
C LYS A 480 7.47 23.29 -2.19
N PRO A 481 6.61 23.71 -1.25
CA PRO A 481 5.18 23.46 -1.46
C PRO A 481 4.67 24.12 -2.72
N LEU A 482 5.08 25.35 -2.99
CA LEU A 482 4.69 25.99 -4.24
C LEU A 482 5.24 25.23 -5.43
N TYR A 483 6.46 24.70 -5.30
CA TYR A 483 7.08 23.93 -6.38
C TYR A 483 6.24 22.70 -6.70
N PHE A 484 5.78 22.00 -5.68
CA PHE A 484 4.99 20.80 -5.94
C PHE A 484 3.61 21.17 -6.42
N ALA A 485 3.03 22.25 -5.89
CA ALA A 485 1.75 22.71 -6.43
C ALA A 485 1.89 23.03 -7.92
N ASP A 486 3.02 23.60 -8.32
CA ASP A 486 3.26 23.86 -9.73
C ASP A 486 3.33 22.57 -10.52
N ARG A 487 4.13 21.61 -10.05
CA ARG A 487 4.24 20.35 -10.79
C ARG A 487 2.90 19.66 -10.90
N LEU A 488 2.05 19.78 -9.88
CA LEU A 488 0.73 19.17 -9.95
C LEU A 488 -0.15 19.87 -10.98
N TYR A 489 -0.15 21.21 -10.97
CA TYR A 489 -0.89 21.93 -12.00
C TYR A 489 -0.41 21.54 -13.38
N ASP A 490 0.90 21.39 -13.57
CA ASP A 490 1.45 20.99 -14.85
C ASP A 490 0.98 19.60 -15.25
N SER A 491 0.97 18.67 -14.30
CA SER A 491 0.55 17.31 -14.59
C SER A 491 -0.93 17.25 -14.98
N MET A 492 -1.75 18.17 -14.47
CA MET A 492 -3.20 18.08 -14.66
C MET A 492 -3.81 19.14 -15.57
N LYS A 493 -3.04 20.11 -16.07
CA LYS A 493 -3.65 21.19 -16.82
C LYS A 493 -3.96 20.80 -18.26
N GLY A 494 -3.10 20.01 -18.87
CA GLY A 494 -3.21 19.70 -20.27
C GLY A 494 -4.26 18.67 -20.60
N LYS A 495 -4.26 18.25 -21.87
CA LYS A 495 -5.10 17.17 -22.33
C LYS A 495 -4.74 15.90 -21.57
N GLY A 496 -5.63 15.44 -20.69
CA GLY A 496 -5.33 14.26 -19.90
C GLY A 496 -4.46 14.56 -18.70
N THR A 497 -3.69 13.57 -18.28
CA THR A 497 -2.84 13.72 -17.12
C THR A 497 -1.49 13.06 -17.35
N ARG A 498 -0.47 13.56 -16.66
CA ARG A 498 0.81 12.87 -16.52
C ARG A 498 0.75 12.13 -15.20
N ASP A 499 0.09 10.97 -15.23
CA ASP A 499 -0.24 10.27 -14.00
C ASP A 499 0.99 9.89 -13.19
N LYS A 500 2.10 9.58 -13.87
CA LYS A 500 3.33 9.24 -13.17
C LYS A 500 3.67 10.32 -12.14
N VAL A 501 3.77 11.57 -12.61
CA VAL A 501 4.21 12.67 -11.76
C VAL A 501 3.18 13.01 -10.71
N LEU A 502 1.92 13.17 -11.12
CA LEU A 502 0.85 13.42 -10.16
C LEU A 502 0.87 12.40 -9.03
N ILE A 503 0.93 11.12 -9.39
CA ILE A 503 0.90 10.04 -8.41
C ILE A 503 2.10 10.13 -7.48
N ARG A 504 3.30 10.35 -8.04
CA ARG A 504 4.49 10.40 -7.19
C ARG A 504 4.43 11.57 -6.21
N ILE A 505 3.90 12.71 -6.65
CA ILE A 505 3.78 13.85 -5.73
C ILE A 505 2.71 13.57 -4.67
N MET A 506 1.59 12.96 -5.07
CA MET A 506 0.54 12.66 -4.12
C MET A 506 0.97 11.61 -3.10
N VAL A 507 1.85 10.70 -3.49
CA VAL A 507 2.33 9.66 -2.60
C VAL A 507 3.41 10.19 -1.68
N SER A 508 4.41 10.88 -2.23
CA SER A 508 5.60 11.25 -1.50
C SER A 508 5.41 12.47 -0.59
N ARG A 509 4.37 13.29 -0.81
CA ARG A 509 4.20 14.50 -0.04
C ARG A 509 2.93 14.50 0.81
N SER A 510 2.27 13.35 0.95
CA SER A 510 1.04 13.31 1.73
C SER A 510 1.31 13.43 3.22
N GLU A 511 2.47 12.98 3.71
CA GLU A 511 2.79 13.04 5.12
C GLU A 511 3.90 14.04 5.43
N VAL A 512 4.28 14.87 4.45
CA VAL A 512 5.31 15.88 4.66
C VAL A 512 4.70 17.28 4.63
N ASP A 513 4.48 17.82 3.44
CA ASP A 513 4.01 19.20 3.29
C ASP A 513 2.76 19.30 2.42
N MET A 514 1.94 18.24 2.41
CA MET A 514 0.75 18.24 1.56
C MET A 514 -0.22 19.36 1.92
N LEU A 515 -0.29 19.75 3.20
CA LEU A 515 -1.21 20.82 3.58
C LEU A 515 -0.75 22.15 3.02
N LYS A 516 0.55 22.45 3.11
CA LYS A 516 1.05 23.67 2.50
C LYS A 516 0.98 23.61 0.98
N ILE A 517 1.16 22.41 0.41
CA ILE A 517 0.99 22.28 -1.04
C ILE A 517 -0.41 22.67 -1.44
N ARG A 518 -1.40 22.19 -0.68
CA ARG A 518 -2.78 22.58 -0.97
C ARG A 518 -2.96 24.08 -0.78
N SER A 519 -2.34 24.64 0.26
CA SER A 519 -2.46 26.08 0.51
C SER A 519 -1.95 26.89 -0.67
N GLU A 520 -0.73 26.59 -1.12
CA GLU A 520 -0.15 27.32 -2.24
C GLU A 520 -0.96 27.11 -3.52
N PHE A 521 -1.29 25.85 -3.82
CA PHE A 521 -2.09 25.55 -5.01
C PHE A 521 -3.35 26.41 -5.05
N LYS A 522 -4.11 26.42 -3.94
CA LYS A 522 -5.35 27.18 -3.92
C LYS A 522 -5.09 28.69 -3.92
N ARG A 523 -3.95 29.14 -3.39
CA ARG A 523 -3.64 30.56 -3.46
C ARG A 523 -3.44 30.99 -4.91
N LYS A 524 -2.65 30.21 -5.65
CA LYS A 524 -2.18 30.63 -6.97
C LYS A 524 -3.21 30.37 -8.05
N TYR A 525 -3.88 29.21 -8.03
CA TYR A 525 -4.74 28.81 -9.14
C TYR A 525 -6.23 28.95 -8.86
N GLY A 526 -6.60 29.53 -7.71
CA GLY A 526 -8.00 29.86 -7.44
C GLY A 526 -8.92 28.70 -7.13
N LYS A 527 -8.46 27.45 -7.29
CA LYS A 527 -9.26 26.28 -7.00
C LYS A 527 -8.41 25.25 -6.28
N SER A 528 -9.03 24.48 -5.39
CA SER A 528 -8.32 23.52 -4.56
C SER A 528 -7.67 22.42 -5.40
N LEU A 529 -6.53 21.91 -4.93
CA LEU A 529 -5.93 20.74 -5.55
C LEU A 529 -6.92 19.58 -5.60
N TYR A 530 -7.79 19.49 -4.59
CA TYR A 530 -8.89 18.54 -4.62
C TYR A 530 -9.69 18.68 -5.92
N TYR A 531 -9.98 19.92 -6.31
CA TYR A 531 -10.83 20.16 -7.48
C TYR A 531 -10.15 19.71 -8.77
N TYR A 532 -8.86 20.01 -8.93
CA TYR A 532 -8.16 19.59 -10.14
C TYR A 532 -7.97 18.07 -10.19
N ILE A 533 -7.72 17.45 -9.04
CA ILE A 533 -7.72 15.99 -9.00
C ILE A 533 -9.07 15.46 -9.47
N GLN A 534 -10.16 15.93 -8.86
CA GLN A 534 -11.49 15.55 -9.28
C GLN A 534 -11.65 15.66 -10.79
N GLN A 535 -11.28 16.82 -11.35
CA GLN A 535 -11.54 17.09 -12.74
C GLN A 535 -10.71 16.23 -13.68
N ASP A 536 -9.53 15.78 -13.24
CA ASP A 536 -8.65 15.08 -14.17
C ASP A 536 -8.69 13.57 -14.06
N THR A 537 -8.95 13.00 -12.89
CA THR A 537 -9.01 11.55 -12.73
C THR A 537 -10.39 11.13 -12.24
N LYS A 538 -10.85 9.98 -12.71
CA LYS A 538 -12.13 9.42 -12.32
C LYS A 538 -11.94 8.04 -11.72
N GLY A 539 -12.97 7.56 -11.02
CA GLY A 539 -12.97 6.21 -10.49
C GLY A 539 -12.24 6.07 -9.16
N ASP A 540 -12.00 4.81 -8.79
CA ASP A 540 -11.31 4.54 -7.53
C ASP A 540 -9.92 5.18 -7.51
N TYR A 541 -9.30 5.38 -8.67
CA TYR A 541 -8.03 6.11 -8.72
C TYR A 541 -8.22 7.55 -8.26
N GLN A 542 -9.31 8.18 -8.69
CA GLN A 542 -9.65 9.48 -8.15
C GLN A 542 -9.80 9.44 -6.64
N LYS A 543 -10.47 8.41 -6.10
CA LYS A 543 -10.72 8.38 -4.67
C LYS A 543 -9.42 8.19 -3.90
N ALA A 544 -8.51 7.36 -4.42
CA ALA A 544 -7.22 7.18 -3.76
C ALA A 544 -6.44 8.48 -3.74
N LEU A 545 -6.41 9.18 -4.88
CA LEU A 545 -5.70 10.45 -4.95
C LEU A 545 -6.32 11.49 -4.01
N LEU A 546 -7.65 11.54 -3.96
CA LEU A 546 -8.31 12.49 -3.06
C LEU A 546 -8.00 12.17 -1.60
N TYR A 547 -8.06 10.90 -1.20
CA TYR A 547 -7.69 10.55 0.16
C TYR A 547 -6.26 11.01 0.46
N LEU A 548 -5.31 10.67 -0.42
CA LEU A 548 -3.94 11.14 -0.20
C LEU A 548 -3.88 12.66 -0.14
N CYS A 549 -4.78 13.34 -0.83
CA CYS A 549 -4.86 14.80 -0.74
C CYS A 549 -5.24 15.22 0.68
N GLY A 550 -6.39 14.76 1.16
CA GLY A 550 -6.83 15.02 2.52
C GLY A 550 -8.11 15.81 2.63
N GLY A 551 -8.51 16.55 1.60
CA GLY A 551 -9.73 17.32 1.66
C GLY A 551 -9.63 18.53 0.74
N ASP A 552 -10.68 19.35 0.80
CA ASP A 552 -10.81 20.49 -0.08
C ASP A 552 -9.97 21.66 0.43
N ASP A 553 -9.36 22.38 -0.51
CA ASP A 553 -8.50 23.51 -0.17
C ASP A 553 -7.31 23.03 0.64
N ALA B 243 13.85 -7.04 -16.69
CA ALA B 243 12.99 -6.00 -17.26
C ALA B 243 11.71 -5.83 -16.44
N TYR B 244 11.85 -5.27 -15.24
CA TYR B 244 10.70 -5.05 -14.37
C TYR B 244 9.68 -4.15 -15.05
N THR B 245 8.40 -4.43 -14.80
CA THR B 245 7.29 -3.78 -15.49
C THR B 245 6.58 -2.82 -14.54
N ASN B 246 6.62 -1.54 -14.88
CA ASN B 246 5.83 -0.54 -14.15
C ASN B 246 4.40 -0.54 -14.70
N PHE B 247 4.22 -0.03 -15.91
CA PHE B 247 2.95 -0.08 -16.60
C PHE B 247 3.19 -0.07 -18.11
N ASP B 248 3.96 -1.05 -18.57
CA ASP B 248 4.06 -1.33 -20.00
C ASP B 248 2.76 -1.87 -20.56
N ALA B 249 1.76 -2.09 -19.70
CA ALA B 249 0.44 -2.50 -20.13
C ALA B 249 -0.14 -1.52 -21.15
N GLU B 250 0.14 -0.24 -21.00
CA GLU B 250 -0.32 0.74 -21.99
C GLU B 250 0.29 0.45 -23.36
N ARG B 251 1.60 0.20 -23.40
CA ARG B 251 2.28 -0.07 -24.67
C ARG B 251 1.83 -1.40 -25.26
N ASP B 252 1.75 -2.45 -24.43
CA ASP B 252 1.29 -3.75 -24.92
C ASP B 252 -0.12 -3.66 -25.45
N ALA B 253 -1.02 -3.01 -24.72
CA ALA B 253 -2.39 -2.87 -25.16
C ALA B 253 -2.48 -2.08 -26.46
N LEU B 254 -1.70 -1.01 -26.57
CA LEU B 254 -1.70 -0.22 -27.80
C LEU B 254 -1.26 -1.08 -28.97
N ASN B 255 -0.12 -1.77 -28.83
CA ASN B 255 0.38 -2.59 -29.93
C ASN B 255 -0.61 -3.68 -30.31
N ILE B 256 -1.28 -4.27 -29.31
CA ILE B 256 -2.28 -5.30 -29.59
C ILE B 256 -3.46 -4.71 -30.33
N GLU B 257 -3.91 -3.52 -29.94
CA GLU B 257 -5.00 -2.87 -30.65
C GLU B 257 -4.61 -2.61 -32.10
N THR B 258 -3.37 -2.16 -32.34
CA THR B 258 -2.96 -1.90 -33.73
C THR B 258 -2.79 -3.20 -34.51
N ALA B 259 -2.46 -4.31 -33.82
CA ALA B 259 -2.27 -5.59 -34.48
C ALA B 259 -3.60 -6.23 -34.85
N ILE B 260 -4.61 -6.08 -33.99
CA ILE B 260 -5.94 -6.60 -34.31
C ILE B 260 -6.51 -5.88 -35.52
N LYS B 261 -6.13 -4.62 -35.72
CA LYS B 261 -6.63 -3.81 -36.83
C LYS B 261 -5.57 -3.83 -37.94
N THR B 262 -5.56 -4.91 -38.72
CA THR B 262 -4.62 -4.98 -39.83
C THR B 262 -5.18 -5.76 -41.02
N LYS B 263 -6.48 -6.03 -41.05
CA LYS B 263 -7.12 -6.71 -42.18
C LYS B 263 -6.79 -8.20 -42.20
N GLY B 264 -5.51 -8.55 -42.34
CA GLY B 264 -5.09 -9.93 -42.28
C GLY B 264 -4.88 -10.44 -40.87
N VAL B 265 -4.91 -9.54 -39.89
CA VAL B 265 -4.68 -9.86 -38.48
C VAL B 265 -3.20 -10.17 -38.28
N ASP B 266 -2.55 -9.42 -37.40
CA ASP B 266 -1.14 -9.66 -37.08
C ASP B 266 -1.05 -10.67 -35.94
N GLU B 267 -1.39 -11.92 -36.27
CA GLU B 267 -1.35 -12.98 -35.29
C GLU B 267 0.04 -13.11 -34.67
N VAL B 268 1.09 -12.90 -35.46
CA VAL B 268 2.46 -13.06 -34.96
C VAL B 268 2.70 -12.14 -33.76
N THR B 269 2.33 -10.85 -33.89
CA THR B 269 2.58 -9.92 -32.80
C THR B 269 1.68 -10.23 -31.60
N ILE B 270 0.44 -10.62 -31.85
CA ILE B 270 -0.44 -11.02 -30.75
C ILE B 270 0.18 -12.17 -29.95
N VAL B 271 0.73 -13.15 -30.65
CA VAL B 271 1.38 -14.26 -29.96
C VAL B 271 2.62 -13.78 -29.21
N ASN B 272 3.44 -12.97 -29.88
CA ASN B 272 4.69 -12.52 -29.26
C ASN B 272 4.42 -11.76 -27.97
N ILE B 273 3.37 -10.97 -27.93
CA ILE B 273 3.09 -10.20 -26.73
C ILE B 273 2.40 -11.07 -25.68
N LEU B 274 1.29 -11.71 -26.05
CA LEU B 274 0.45 -12.36 -25.05
C LEU B 274 1.12 -13.58 -24.43
N THR B 275 1.79 -14.41 -25.24
CA THR B 275 2.41 -15.59 -24.67
C THR B 275 3.70 -15.27 -23.93
N ASN B 276 4.19 -14.03 -24.02
CA ASN B 276 5.40 -13.65 -23.29
C ASN B 276 5.11 -12.91 -22.01
N ARG B 277 4.03 -12.15 -21.92
CA ARG B 277 3.63 -11.57 -20.65
C ARG B 277 3.01 -12.64 -19.75
N SER B 278 3.05 -12.38 -18.45
CA SER B 278 2.50 -13.31 -17.46
C SER B 278 0.99 -13.13 -17.37
N ASN B 279 0.36 -13.84 -16.42
CA ASN B 279 -1.10 -13.76 -16.31
C ASN B 279 -1.55 -12.42 -15.74
N GLU B 280 -0.86 -11.93 -14.70
CA GLU B 280 -1.19 -10.61 -14.16
C GLU B 280 -0.91 -9.52 -15.20
N GLN B 281 0.22 -9.64 -15.91
CA GLN B 281 0.51 -8.70 -16.98
C GLN B 281 -0.56 -8.74 -18.06
N ARG B 282 -1.06 -9.94 -18.40
CA ARG B 282 -2.14 -10.05 -19.37
C ARG B 282 -3.43 -9.42 -18.83
N GLN B 283 -3.65 -9.48 -17.52
CA GLN B 283 -4.81 -8.81 -16.94
C GLN B 283 -4.69 -7.30 -17.03
N ASP B 284 -3.50 -6.77 -16.76
CA ASP B 284 -3.28 -5.34 -16.89
C ASP B 284 -3.40 -4.89 -18.34
N ILE B 285 -2.94 -5.73 -19.27
CA ILE B 285 -3.07 -5.43 -20.70
C ILE B 285 -4.55 -5.42 -21.11
N ALA B 286 -5.33 -6.37 -20.60
CA ALA B 286 -6.76 -6.35 -20.86
C ALA B 286 -7.41 -5.09 -20.31
N PHE B 287 -7.04 -4.70 -19.10
CA PHE B 287 -7.59 -3.48 -18.50
C PHE B 287 -7.23 -2.25 -19.34
N ALA B 288 -5.97 -2.16 -19.77
CA ALA B 288 -5.55 -1.05 -20.62
C ALA B 288 -6.32 -1.03 -21.93
N TYR B 289 -6.53 -2.20 -22.54
CA TYR B 289 -7.25 -2.28 -23.80
C TYR B 289 -8.72 -1.91 -23.63
N GLN B 290 -9.31 -2.26 -22.49
CA GLN B 290 -10.69 -1.88 -22.25
C GLN B 290 -10.83 -0.41 -21.89
N ARG B 291 -9.78 0.19 -21.31
CA ARG B 291 -9.82 1.62 -21.03
C ARG B 291 -9.50 2.47 -22.25
N ARG B 292 -8.74 1.93 -23.19
CA ARG B 292 -8.38 2.66 -24.40
C ARG B 292 -9.43 2.46 -25.50
N THR B 293 -9.70 1.21 -25.87
CA THR B 293 -10.62 0.88 -26.95
C THR B 293 -12.08 0.85 -26.53
N LYS B 294 -12.36 1.00 -25.23
CA LYS B 294 -13.74 0.96 -24.72
C LYS B 294 -14.46 -0.33 -25.11
N LYS B 295 -13.70 -1.41 -25.30
CA LYS B 295 -14.27 -2.71 -25.61
C LYS B 295 -13.39 -3.78 -24.98
N GLU B 296 -14.03 -4.87 -24.54
CA GLU B 296 -13.30 -5.93 -23.85
C GLU B 296 -12.37 -6.66 -24.80
N LEU B 297 -11.14 -6.91 -24.35
CA LEU B 297 -10.16 -7.62 -25.18
C LEU B 297 -10.63 -9.03 -25.49
N ALA B 298 -11.30 -9.69 -24.55
CA ALA B 298 -11.78 -11.05 -24.78
C ALA B 298 -12.65 -11.11 -26.03
N SER B 299 -13.67 -10.27 -26.11
CA SER B 299 -14.56 -10.29 -27.26
C SER B 299 -13.80 -9.97 -28.54
N ALA B 300 -12.92 -8.96 -28.49
CA ALA B 300 -12.17 -8.58 -29.68
C ALA B 300 -11.34 -9.74 -30.21
N LEU B 301 -10.63 -10.44 -29.34
CA LEU B 301 -9.80 -11.55 -29.79
C LEU B 301 -10.63 -12.77 -30.17
N LYS B 302 -11.75 -13.00 -29.48
CA LYS B 302 -12.66 -14.06 -29.87
C LYS B 302 -13.20 -13.83 -31.27
N SER B 303 -13.41 -12.58 -31.67
CA SER B 303 -13.92 -12.28 -33.01
C SER B 303 -12.82 -12.22 -34.06
N ALA B 304 -11.58 -11.94 -33.66
CA ALA B 304 -10.46 -11.84 -34.59
C ALA B 304 -9.68 -13.13 -34.73
N LEU B 305 -10.13 -14.22 -34.09
CA LEU B 305 -9.42 -15.48 -34.12
C LEU B 305 -10.39 -16.64 -34.28
N SER B 306 -9.87 -17.76 -34.73
CA SER B 306 -10.64 -18.98 -34.88
C SER B 306 -9.67 -20.15 -35.00
N GLY B 307 -10.12 -21.33 -34.56
CA GLY B 307 -9.28 -22.51 -34.56
C GLY B 307 -8.73 -22.81 -33.19
N HIS B 308 -7.45 -23.21 -33.15
CA HIS B 308 -6.79 -23.53 -31.88
C HIS B 308 -6.12 -22.31 -31.25
N LEU B 309 -5.68 -21.36 -32.06
CA LEU B 309 -5.10 -20.14 -31.50
C LEU B 309 -6.14 -19.38 -30.69
N GLU B 310 -7.40 -19.37 -31.16
CA GLU B 310 -8.48 -18.77 -30.40
C GLU B 310 -8.56 -19.38 -29.01
N THR B 311 -8.59 -20.72 -28.93
CA THR B 311 -8.64 -21.39 -27.64
C THR B 311 -7.46 -20.99 -26.77
N VAL B 312 -6.23 -21.15 -27.30
CA VAL B 312 -5.04 -20.86 -26.52
C VAL B 312 -5.12 -19.47 -25.92
N ILE B 313 -5.37 -18.47 -26.76
CA ILE B 313 -5.30 -17.08 -26.32
C ILE B 313 -6.46 -16.74 -25.41
N LEU B 314 -7.69 -17.07 -25.82
CA LEU B 314 -8.83 -16.80 -24.96
C LEU B 314 -8.66 -17.45 -23.59
N GLY B 315 -7.91 -18.56 -23.51
CA GLY B 315 -7.63 -19.16 -22.22
C GLY B 315 -6.57 -18.40 -21.45
N LEU B 316 -5.48 -18.04 -22.13
CA LEU B 316 -4.45 -17.22 -21.50
C LEU B 316 -5.03 -15.95 -20.90
N LEU B 317 -6.11 -15.44 -21.50
CA LEU B 317 -6.71 -14.21 -20.98
C LEU B 317 -7.34 -14.46 -19.61
N LYS B 318 -8.00 -15.60 -19.44
CA LYS B 318 -8.61 -15.90 -18.15
C LYS B 318 -7.53 -16.04 -17.09
N THR B 319 -7.84 -15.61 -15.87
CA THR B 319 -6.96 -15.87 -14.75
C THR B 319 -6.97 -17.36 -14.44
N PRO B 320 -6.02 -17.84 -13.63
CA PRO B 320 -5.96 -19.29 -13.34
C PRO B 320 -7.29 -19.86 -12.88
N ALA B 321 -7.94 -19.23 -11.90
CA ALA B 321 -9.19 -19.76 -11.38
C ALA B 321 -10.28 -19.77 -12.45
N GLN B 322 -10.40 -18.68 -13.21
CA GLN B 322 -11.44 -18.62 -14.23
C GLN B 322 -11.19 -19.64 -15.33
N TYR B 323 -9.93 -19.80 -15.74
CA TYR B 323 -9.62 -20.78 -16.77
C TYR B 323 -9.91 -22.19 -16.30
N ASP B 324 -9.47 -22.53 -15.08
CA ASP B 324 -9.74 -23.85 -14.54
C ASP B 324 -11.24 -24.09 -14.37
N ALA B 325 -11.98 -23.10 -13.88
CA ALA B 325 -13.42 -23.25 -13.74
C ALA B 325 -14.09 -23.48 -15.09
N SER B 326 -13.68 -22.72 -16.12
CA SER B 326 -14.27 -22.89 -17.45
C SER B 326 -13.95 -24.26 -18.01
N GLU B 327 -12.71 -24.74 -17.81
CA GLU B 327 -12.36 -26.08 -18.26
C GLU B 327 -13.17 -27.14 -17.53
N LEU B 328 -13.35 -26.96 -16.21
CA LEU B 328 -14.16 -27.92 -15.44
C LEU B 328 -15.59 -27.95 -15.96
N LYS B 329 -16.19 -26.78 -16.17
CA LYS B 329 -17.52 -26.74 -16.77
C LYS B 329 -17.54 -27.45 -18.11
N ALA B 330 -16.51 -27.21 -18.94
CA ALA B 330 -16.44 -27.86 -20.24
C ALA B 330 -16.41 -29.38 -20.11
N SER B 331 -15.75 -29.89 -19.07
CA SER B 331 -15.73 -31.34 -18.82
C SER B 331 -17.03 -31.84 -18.24
N MET B 332 -17.90 -30.94 -17.76
CA MET B 332 -19.20 -31.31 -17.20
C MET B 332 -20.35 -30.67 -17.95
N LYS B 333 -20.11 -30.22 -19.18
CA LYS B 333 -21.18 -29.69 -20.03
C LYS B 333 -21.82 -30.82 -20.82
N GLY B 334 -23.10 -30.66 -21.11
CA GLY B 334 -23.81 -31.63 -21.92
C GLY B 334 -24.27 -32.83 -21.10
N LEU B 335 -24.63 -33.90 -21.81
CA LEU B 335 -25.15 -35.10 -21.19
C LEU B 335 -24.07 -36.10 -20.81
N GLY B 336 -22.80 -35.83 -21.11
CA GLY B 336 -21.71 -36.69 -20.74
C GLY B 336 -20.88 -36.13 -19.60
N THR B 337 -19.68 -36.67 -19.45
CA THR B 337 -18.70 -36.16 -18.50
C THR B 337 -17.31 -36.49 -19.02
N ASP B 338 -16.51 -35.45 -19.28
CA ASP B 338 -15.13 -35.63 -19.72
C ASP B 338 -14.31 -36.05 -18.51
N GLU B 339 -14.41 -37.35 -18.18
CA GLU B 339 -13.72 -37.86 -17.01
C GLU B 339 -12.24 -37.51 -17.07
N ASP B 340 -11.64 -37.55 -18.26
CA ASP B 340 -10.21 -37.29 -18.38
C ASP B 340 -9.86 -35.91 -17.83
N SER B 341 -10.43 -34.85 -18.42
CA SER B 341 -10.10 -33.49 -17.99
C SER B 341 -10.49 -33.24 -16.54
N LEU B 342 -11.68 -33.67 -16.15
CA LEU B 342 -12.12 -33.49 -14.76
C LEU B 342 -11.10 -34.08 -13.80
N ILE B 343 -10.58 -35.27 -14.12
CA ILE B 343 -9.61 -35.89 -13.22
C ILE B 343 -8.29 -35.13 -13.26
N GLU B 344 -7.85 -34.73 -14.44
CA GLU B 344 -6.59 -34.00 -14.56
C GLU B 344 -6.63 -32.73 -13.71
N ILE B 345 -7.75 -32.02 -13.72
CA ILE B 345 -7.84 -30.76 -12.98
C ILE B 345 -8.01 -31.02 -11.49
N ILE B 346 -8.91 -31.94 -11.12
CA ILE B 346 -9.20 -32.12 -9.69
C ILE B 346 -8.06 -32.83 -8.97
N CYS B 347 -7.25 -33.61 -9.68
CA CYS B 347 -6.18 -34.38 -9.05
C CYS B 347 -4.85 -33.64 -9.03
N SER B 348 -4.77 -32.47 -9.65
CA SER B 348 -3.52 -31.73 -9.69
C SER B 348 -3.57 -30.37 -9.00
N ARG B 349 -4.75 -29.77 -8.85
CA ARG B 349 -4.84 -28.46 -8.24
C ARG B 349 -4.67 -28.55 -6.73
N THR B 350 -3.96 -27.58 -6.18
CA THR B 350 -3.59 -27.54 -4.77
C THR B 350 -4.76 -27.02 -3.93
N ASN B 351 -4.48 -26.70 -2.66
CA ASN B 351 -5.55 -26.29 -1.77
C ASN B 351 -5.99 -24.87 -2.03
N GLN B 352 -5.04 -23.93 -2.10
CA GLN B 352 -5.37 -22.54 -2.39
C GLN B 352 -5.94 -22.41 -3.79
N GLU B 353 -5.40 -23.19 -4.74
CA GLU B 353 -5.91 -23.16 -6.10
C GLU B 353 -7.37 -23.58 -6.14
N LEU B 354 -7.71 -24.69 -5.46
CA LEU B 354 -9.10 -25.12 -5.44
C LEU B 354 -9.96 -24.15 -4.64
N GLN B 355 -9.43 -23.57 -3.57
CA GLN B 355 -10.18 -22.60 -2.80
C GLN B 355 -10.61 -21.43 -3.67
N GLU B 356 -9.71 -20.96 -4.54
CA GLU B 356 -10.07 -19.93 -5.50
C GLU B 356 -11.00 -20.47 -6.58
N ILE B 357 -10.82 -21.72 -7.00
CA ILE B 357 -11.59 -22.28 -8.10
C ILE B 357 -13.06 -22.40 -7.71
N ASN B 358 -13.34 -22.90 -6.51
CA ASN B 358 -14.73 -23.01 -6.06
C ASN B 358 -15.42 -21.65 -6.07
N ARG B 359 -14.72 -20.62 -5.58
CA ARG B 359 -15.30 -19.29 -5.51
C ARG B 359 -15.56 -18.74 -6.92
N VAL B 360 -14.56 -18.82 -7.79
CA VAL B 360 -14.72 -18.34 -9.16
C VAL B 360 -15.82 -19.10 -9.88
N TYR B 361 -15.96 -20.40 -9.60
CA TYR B 361 -16.99 -21.20 -10.24
C TYR B 361 -18.38 -20.74 -9.82
N LYS B 362 -18.59 -20.55 -8.52
CA LYS B 362 -19.90 -20.05 -8.10
C LYS B 362 -20.13 -18.62 -8.59
N GLU B 363 -19.07 -17.84 -8.77
CA GLU B 363 -19.22 -16.48 -9.25
C GLU B 363 -19.63 -16.44 -10.71
N MET B 364 -19.02 -17.29 -11.53
CA MET B 364 -19.33 -17.30 -12.95
C MET B 364 -20.67 -17.98 -13.23
N TYR B 365 -20.84 -19.19 -12.71
CA TYR B 365 -21.91 -20.08 -13.12
C TYR B 365 -23.09 -20.09 -12.14
N LYS B 366 -23.03 -19.30 -11.07
CA LYS B 366 -24.16 -19.17 -10.15
C LYS B 366 -24.56 -20.53 -9.58
N THR B 367 -23.57 -21.39 -9.30
CA THR B 367 -23.84 -22.67 -8.67
C THR B 367 -22.53 -23.26 -8.17
N ASP B 368 -22.59 -23.95 -7.03
CA ASP B 368 -21.38 -24.52 -6.43
C ASP B 368 -20.78 -25.59 -7.34
N LEU B 369 -19.45 -25.64 -7.35
CA LEU B 369 -18.76 -26.66 -8.15
C LEU B 369 -19.15 -28.05 -7.68
N GLU B 370 -19.26 -28.25 -6.38
CA GLU B 370 -19.57 -29.57 -5.83
C GLU B 370 -20.90 -30.08 -6.36
N LYS B 371 -21.90 -29.21 -6.46
CA LYS B 371 -23.19 -29.65 -6.96
C LYS B 371 -23.07 -30.17 -8.39
N ASP B 372 -22.42 -29.39 -9.27
CA ASP B 372 -22.24 -29.83 -10.65
C ASP B 372 -21.41 -31.10 -10.74
N ILE B 373 -20.46 -31.29 -9.83
CA ILE B 373 -19.72 -32.55 -9.80
C ILE B 373 -20.65 -33.69 -9.45
N ILE B 374 -21.53 -33.48 -8.47
CA ILE B 374 -22.44 -34.53 -8.03
C ILE B 374 -23.36 -34.94 -9.17
N SER B 375 -23.97 -33.95 -9.84
CA SER B 375 -24.92 -34.26 -10.90
C SER B 375 -24.27 -34.99 -12.06
N ASP B 376 -22.96 -34.90 -12.23
CA ASP B 376 -22.27 -35.48 -13.38
C ASP B 376 -21.44 -36.72 -13.03
N THR B 377 -21.52 -37.19 -11.80
CA THR B 377 -20.78 -38.39 -11.40
C THR B 377 -21.67 -39.38 -10.66
N SER B 378 -21.09 -40.41 -10.06
CA SER B 378 -21.89 -41.40 -9.34
C SER B 378 -20.98 -42.40 -8.65
N GLY B 379 -21.39 -42.81 -7.45
CA GLY B 379 -20.66 -43.84 -6.72
C GLY B 379 -19.33 -43.37 -6.17
N ASP B 380 -18.37 -44.30 -6.14
CA ASP B 380 -17.08 -44.00 -5.53
C ASP B 380 -16.32 -42.91 -6.30
N PHE B 381 -16.49 -42.84 -7.62
CA PHE B 381 -15.83 -41.78 -8.37
C PHE B 381 -16.34 -40.41 -7.96
N ARG B 382 -17.67 -40.27 -7.87
CA ARG B 382 -18.23 -39.02 -7.37
C ARG B 382 -17.71 -38.72 -5.97
N LYS B 383 -17.64 -39.74 -5.11
CA LYS B 383 -17.18 -39.51 -3.74
C LYS B 383 -15.76 -38.97 -3.71
N LEU B 384 -14.86 -39.60 -4.48
CA LEU B 384 -13.47 -39.17 -4.50
C LEU B 384 -13.33 -37.79 -5.12
N MET B 385 -14.05 -37.52 -6.21
CA MET B 385 -13.96 -36.20 -6.82
C MET B 385 -14.43 -35.12 -5.87
N VAL B 386 -15.54 -35.36 -5.17
CA VAL B 386 -16.02 -34.35 -4.24
C VAL B 386 -15.05 -34.18 -3.09
N ALA B 387 -14.49 -35.28 -2.59
CA ALA B 387 -13.50 -35.16 -1.52
C ALA B 387 -12.33 -34.30 -1.95
N LEU B 388 -11.75 -34.59 -3.12
CA LEU B 388 -10.61 -33.82 -3.59
C LEU B 388 -10.99 -32.38 -3.89
N ALA B 389 -12.24 -32.14 -4.30
CA ALA B 389 -12.62 -30.82 -4.78
C ALA B 389 -12.78 -29.81 -3.64
N LYS B 390 -12.98 -30.28 -2.41
CA LYS B 390 -13.13 -29.36 -1.28
C LYS B 390 -11.83 -28.62 -0.95
N GLY B 391 -10.69 -29.07 -1.47
CA GLY B 391 -9.43 -28.38 -1.25
C GLY B 391 -9.05 -28.20 0.20
N ARG B 392 -9.33 -29.19 1.05
CA ARG B 392 -9.07 -29.12 2.48
C ARG B 392 -8.03 -30.16 2.91
N ARG B 393 -7.09 -30.49 2.04
CA ARG B 393 -6.01 -31.39 2.45
C ARG B 393 -5.27 -30.77 3.63
N ALA B 394 -5.08 -31.55 4.68
CA ALA B 394 -4.31 -31.05 5.82
C ALA B 394 -3.06 -30.36 5.31
N GLU B 395 -2.78 -29.18 5.85
CA GLU B 395 -1.62 -28.42 5.43
C GLU B 395 -0.33 -29.14 5.82
N ASP B 396 0.69 -28.99 4.98
CA ASP B 396 1.99 -29.61 5.20
C ASP B 396 2.51 -29.27 6.59
N GLY B 397 2.58 -30.26 7.47
CA GLY B 397 2.97 -30.01 8.85
C GLY B 397 4.45 -29.72 9.01
N SER B 398 4.82 -29.35 10.24
CA SER B 398 6.21 -29.15 10.56
C SER B 398 6.89 -30.45 10.96
N VAL B 399 6.22 -31.25 11.78
CA VAL B 399 6.78 -32.51 12.26
C VAL B 399 6.38 -33.62 11.29
N ILE B 400 7.37 -34.41 10.87
CA ILE B 400 7.13 -35.65 10.14
C ILE B 400 6.50 -36.64 11.11
N ASP B 401 5.19 -36.84 10.98
CA ASP B 401 4.45 -37.79 11.83
C ASP B 401 4.75 -39.21 11.34
N TYR B 402 5.92 -39.72 11.71
CA TYR B 402 6.35 -41.04 11.24
C TYR B 402 5.37 -42.13 11.64
N GLU B 403 4.81 -42.04 12.84
CA GLU B 403 3.87 -43.06 13.29
C GLU B 403 2.61 -43.05 12.44
N LEU B 404 2.05 -41.86 12.19
CA LEU B 404 0.87 -41.75 11.34
C LEU B 404 1.20 -42.19 9.91
N ILE B 405 2.42 -41.94 9.45
CA ILE B 405 2.85 -42.45 8.15
C ILE B 405 2.75 -43.96 8.10
N ASP B 406 3.38 -44.63 9.09
CA ASP B 406 3.36 -46.08 9.10
C ASP B 406 1.94 -46.61 9.26
N GLN B 407 1.12 -45.91 10.05
CA GLN B 407 -0.26 -46.34 10.26
C GLN B 407 -1.08 -46.20 8.98
N ASP B 408 -0.90 -45.10 8.25
CA ASP B 408 -1.60 -44.95 6.98
C ASP B 408 -1.16 -46.02 6.00
N ALA B 409 0.13 -46.36 5.99
CA ALA B 409 0.59 -47.43 5.12
C ALA B 409 -0.09 -48.75 5.46
N ARG B 410 -0.08 -49.12 6.75
CA ARG B 410 -0.71 -50.35 7.17
C ARG B 410 -2.20 -50.36 6.83
N ASP B 411 -2.86 -49.22 7.00
CA ASP B 411 -4.29 -49.17 6.72
C ASP B 411 -4.56 -49.33 5.23
N LEU B 412 -3.77 -48.66 4.38
CA LEU B 412 -3.96 -48.82 2.94
C LEU B 412 -3.73 -50.25 2.52
N TYR B 413 -2.71 -50.90 3.08
CA TYR B 413 -2.46 -52.30 2.73
C TYR B 413 -3.62 -53.19 3.20
N ASP B 414 -4.05 -53.02 4.45
CA ASP B 414 -5.14 -53.82 4.99
C ASP B 414 -6.48 -53.53 4.32
N ALA B 415 -6.60 -52.41 3.60
CA ALA B 415 -7.85 -52.07 2.93
C ALA B 415 -7.85 -52.41 1.44
N GLY B 416 -6.69 -52.67 0.84
CA GLY B 416 -6.65 -52.98 -0.57
C GLY B 416 -6.15 -54.38 -0.89
N VAL B 417 -4.83 -54.57 -0.84
CA VAL B 417 -4.24 -55.83 -1.27
C VAL B 417 -4.61 -56.97 -0.31
N LYS B 418 -4.39 -56.76 0.99
CA LYS B 418 -4.65 -57.83 1.95
C LYS B 418 -6.13 -58.23 1.95
N ARG B 419 -7.02 -57.26 1.84
CA ARG B 419 -8.46 -57.51 1.91
C ARG B 419 -8.99 -57.94 0.55
N LYS B 420 -9.77 -59.01 0.54
CA LYS B 420 -10.48 -59.39 -0.68
C LYS B 420 -11.34 -58.21 -1.13
N GLY B 421 -11.27 -57.88 -2.42
CA GLY B 421 -11.91 -56.63 -2.78
C GLY B 421 -11.06 -55.45 -2.32
N THR B 422 -11.72 -54.32 -2.06
CA THR B 422 -11.03 -53.12 -1.60
C THR B 422 -11.94 -52.28 -0.74
N ASP B 423 -11.34 -51.63 0.27
CA ASP B 423 -12.04 -50.71 1.17
C ASP B 423 -11.85 -49.30 0.63
N VAL B 424 -12.68 -48.93 -0.35
CA VAL B 424 -12.50 -47.66 -1.05
C VAL B 424 -12.57 -46.47 -0.10
N PRO B 425 -13.62 -46.30 0.71
CA PRO B 425 -13.69 -45.10 1.56
C PRO B 425 -12.42 -44.83 2.35
N LYS B 426 -11.74 -45.87 2.82
CA LYS B 426 -10.49 -45.69 3.54
C LYS B 426 -9.44 -45.03 2.65
N TRP B 427 -9.30 -45.53 1.42
CA TRP B 427 -8.39 -44.92 0.45
C TRP B 427 -8.75 -43.46 0.21
N ILE B 428 -10.04 -43.19 -0.01
CA ILE B 428 -10.48 -41.82 -0.25
C ILE B 428 -10.04 -40.91 0.90
N SER B 429 -10.32 -41.34 2.13
CA SER B 429 -9.96 -40.52 3.30
C SER B 429 -8.46 -40.30 3.37
N ILE B 430 -7.67 -41.37 3.27
CA ILE B 430 -6.24 -41.24 3.50
C ILE B 430 -5.58 -40.44 2.39
N MET B 431 -6.10 -40.51 1.16
CA MET B 431 -5.49 -39.83 0.04
C MET B 431 -6.13 -38.48 -0.28
N THR B 432 -7.15 -38.08 0.46
CA THR B 432 -7.71 -36.74 0.32
C THR B 432 -7.69 -35.94 1.61
N GLU B 433 -7.14 -36.49 2.70
CA GLU B 433 -7.08 -35.78 3.96
C GLU B 433 -5.68 -35.65 4.55
N ARG B 434 -4.69 -36.36 4.03
CA ARG B 434 -3.31 -36.22 4.48
C ARG B 434 -2.57 -35.20 3.61
N SER B 435 -1.48 -34.67 4.14
CA SER B 435 -0.63 -33.77 3.39
C SER B 435 0.08 -34.52 2.25
N VAL B 436 0.73 -33.77 1.38
CA VAL B 436 1.35 -34.36 0.19
C VAL B 436 2.67 -35.01 0.57
N PRO B 437 3.52 -34.35 1.37
CA PRO B 437 4.74 -35.04 1.83
C PRO B 437 4.44 -36.20 2.78
N HIS B 438 3.41 -36.04 3.61
CA HIS B 438 2.96 -37.16 4.43
C HIS B 438 2.64 -38.35 3.56
N LEU B 439 1.86 -38.14 2.50
CA LEU B 439 1.42 -39.24 1.65
C LEU B 439 2.57 -39.79 0.80
N GLN B 440 3.54 -38.95 0.44
CA GLN B 440 4.70 -39.46 -0.27
C GLN B 440 5.48 -40.43 0.60
N LYS B 441 5.73 -40.05 1.86
CA LYS B 441 6.36 -40.98 2.78
C LYS B 441 5.48 -42.20 3.02
N VAL B 442 4.16 -42.01 3.07
CA VAL B 442 3.24 -43.12 3.23
C VAL B 442 3.41 -44.13 2.11
N PHE B 443 3.42 -43.65 0.87
CA PHE B 443 3.58 -44.53 -0.28
C PHE B 443 4.94 -45.21 -0.25
N ASP B 444 6.00 -44.46 0.08
CA ASP B 444 7.33 -45.05 0.16
C ASP B 444 7.38 -46.16 1.20
N ARG B 445 6.66 -45.98 2.30
CA ARG B 445 6.59 -47.00 3.36
C ARG B 445 5.68 -48.15 2.97
N TYR B 446 4.72 -47.91 2.09
CA TYR B 446 3.80 -48.95 1.62
C TYR B 446 4.51 -50.03 0.82
N LYS B 447 5.73 -49.78 0.36
CA LYS B 447 6.54 -50.83 -0.24
C LYS B 447 7.24 -51.68 0.81
N SER B 448 7.03 -51.39 2.09
CA SER B 448 7.52 -52.24 3.18
C SER B 448 6.59 -53.40 3.48
N TYR B 449 5.34 -53.34 3.01
CA TYR B 449 4.34 -54.35 3.31
C TYR B 449 3.86 -55.11 2.09
N SER B 450 3.79 -54.48 0.91
CA SER B 450 3.26 -55.03 -0.33
C SER B 450 4.38 -55.35 -1.32
N PRO B 451 4.21 -56.40 -2.13
CA PRO B 451 5.20 -56.68 -3.17
C PRO B 451 5.14 -55.71 -4.34
N TYR B 452 4.03 -55.01 -4.52
CA TYR B 452 3.89 -53.99 -5.54
C TYR B 452 3.73 -52.61 -4.90
N ASP B 453 4.12 -51.58 -5.63
CA ASP B 453 3.99 -50.23 -5.12
C ASP B 453 2.54 -49.76 -5.25
N MET B 454 2.29 -48.51 -4.84
CA MET B 454 0.93 -47.99 -4.86
C MET B 454 0.38 -47.92 -6.27
N LEU B 455 1.22 -47.56 -7.24
CA LEU B 455 0.77 -47.38 -8.62
C LEU B 455 0.40 -48.69 -9.30
N GLU B 456 0.84 -49.83 -8.77
CA GLU B 456 0.44 -51.13 -9.28
C GLU B 456 -0.70 -51.73 -8.48
N SER B 457 -0.71 -51.49 -7.17
CA SER B 457 -1.80 -51.95 -6.33
C SER B 457 -3.12 -51.26 -6.69
N ILE B 458 -3.07 -49.99 -7.08
CA ILE B 458 -4.31 -49.35 -7.52
C ILE B 458 -4.79 -49.97 -8.83
N ARG B 459 -3.87 -50.33 -9.72
CA ARG B 459 -4.26 -51.02 -10.95
C ARG B 459 -4.95 -52.35 -10.63
N LYS B 460 -4.43 -53.07 -9.65
CA LYS B 460 -5.01 -54.40 -9.41
C LYS B 460 -6.29 -54.35 -8.60
N GLU B 461 -6.40 -53.43 -7.62
CA GLU B 461 -7.54 -53.49 -6.71
C GLU B 461 -8.81 -52.88 -7.28
N VAL B 462 -8.69 -51.86 -8.15
CA VAL B 462 -9.85 -51.18 -8.70
C VAL B 462 -9.71 -51.06 -10.21
N LYS B 463 -10.77 -50.56 -10.84
CA LYS B 463 -10.76 -50.39 -12.29
C LYS B 463 -11.80 -49.34 -12.66
N GLY B 464 -11.77 -48.93 -13.92
CA GLY B 464 -12.70 -47.93 -14.43
C GLY B 464 -12.24 -46.51 -14.17
N ASP B 465 -13.22 -45.61 -14.14
CA ASP B 465 -12.94 -44.21 -13.84
C ASP B 465 -12.29 -44.03 -12.47
N LEU B 466 -12.69 -44.86 -11.50
CA LEU B 466 -12.06 -44.78 -10.19
C LEU B 466 -10.58 -45.11 -10.27
N GLU B 467 -10.23 -46.13 -11.06
CA GLU B 467 -8.82 -46.50 -11.21
C GLU B 467 -8.02 -45.34 -11.77
N ASN B 468 -8.54 -44.69 -12.80
CA ASN B 468 -7.81 -43.58 -13.40
C ASN B 468 -7.73 -42.40 -12.45
N ALA B 469 -8.80 -42.16 -11.68
CA ALA B 469 -8.75 -41.11 -10.68
C ALA B 469 -7.64 -41.35 -9.66
N PHE B 470 -7.57 -42.56 -9.12
CA PHE B 470 -6.51 -42.88 -8.17
C PHE B 470 -5.13 -42.82 -8.81
N LEU B 471 -5.01 -43.24 -10.07
CA LEU B 471 -3.73 -43.19 -10.75
C LEU B 471 -3.24 -41.75 -10.91
N ASN B 472 -4.11 -40.86 -11.38
CA ASN B 472 -3.74 -39.46 -11.50
C ASN B 472 -3.43 -38.84 -10.16
N LEU B 473 -4.23 -39.15 -9.13
CA LEU B 473 -3.96 -38.61 -7.80
C LEU B 473 -2.59 -39.03 -7.30
N VAL B 474 -2.29 -40.33 -7.36
CA VAL B 474 -1.00 -40.83 -6.88
C VAL B 474 0.14 -40.23 -7.67
N GLN B 475 -0.05 -40.03 -8.98
CA GLN B 475 1.01 -39.43 -9.77
C GLN B 475 1.24 -37.98 -9.39
N CYS B 476 0.16 -37.22 -9.17
CA CYS B 476 0.32 -35.82 -8.78
C CYS B 476 0.92 -35.71 -7.38
N ILE B 477 0.72 -36.74 -6.55
CA ILE B 477 1.35 -36.73 -5.23
C ILE B 477 2.81 -37.13 -5.30
N GLN B 478 3.17 -38.02 -6.21
CA GLN B 478 4.56 -38.48 -6.32
C GLN B 478 5.43 -37.46 -7.04
N ASN B 479 5.06 -37.10 -8.27
CA ASN B 479 5.88 -36.17 -9.07
C ASN B 479 4.95 -35.48 -10.06
N LYS B 480 4.49 -34.29 -9.71
CA LYS B 480 3.50 -33.61 -10.53
C LYS B 480 4.13 -33.14 -11.84
N PRO B 481 5.34 -32.60 -11.83
CA PRO B 481 6.00 -32.27 -13.11
C PRO B 481 6.09 -33.47 -14.03
N LEU B 482 6.51 -34.63 -13.51
CA LEU B 482 6.54 -35.84 -14.32
C LEU B 482 5.14 -36.20 -14.80
N TYR B 483 4.14 -36.06 -13.92
CA TYR B 483 2.76 -36.31 -14.31
C TYR B 483 2.41 -35.53 -15.56
N PHE B 484 2.66 -34.22 -15.53
CA PHE B 484 2.30 -33.39 -16.66
C PHE B 484 3.13 -33.72 -17.89
N ALA B 485 4.43 -34.02 -17.71
CA ALA B 485 5.24 -34.34 -18.87
C ALA B 485 4.74 -35.62 -19.55
N ASP B 486 4.43 -36.64 -18.76
CA ASP B 486 3.85 -37.86 -19.32
C ASP B 486 2.54 -37.56 -20.04
N ARG B 487 1.68 -36.75 -19.44
CA ARG B 487 0.40 -36.45 -20.05
C ARG B 487 0.58 -35.68 -21.36
N LEU B 488 1.57 -34.78 -21.40
CA LEU B 488 1.87 -34.04 -22.63
C LEU B 488 2.36 -34.99 -23.73
N TYR B 489 3.22 -35.94 -23.38
CA TYR B 489 3.66 -36.94 -24.34
C TYR B 489 2.49 -37.80 -24.82
N ASP B 490 1.61 -38.19 -23.89
CA ASP B 490 0.45 -38.98 -24.26
C ASP B 490 -0.47 -38.21 -25.20
N SER B 491 -0.59 -36.90 -25.02
CA SER B 491 -1.43 -36.09 -25.89
C SER B 491 -0.81 -35.86 -27.26
N MET B 492 0.48 -36.13 -27.44
CA MET B 492 1.19 -35.85 -28.68
C MET B 492 1.85 -37.10 -29.28
N LYS B 493 1.62 -38.28 -28.73
CA LYS B 493 2.30 -39.46 -29.23
C LYS B 493 1.55 -40.15 -30.35
N GLY B 494 0.22 -40.06 -30.37
CA GLY B 494 -0.59 -40.81 -31.31
C GLY B 494 -0.90 -40.05 -32.58
N LYS B 495 -1.69 -40.69 -33.44
CA LYS B 495 -2.17 -40.05 -34.65
C LYS B 495 -2.86 -38.74 -34.31
N GLY B 496 -2.45 -37.67 -35.00
CA GLY B 496 -2.97 -36.35 -34.68
C GLY B 496 -2.47 -35.92 -33.32
N THR B 497 -3.13 -34.90 -32.77
CA THR B 497 -2.77 -34.34 -31.46
C THR B 497 -4.05 -34.09 -30.67
N ARG B 498 -4.14 -34.65 -29.46
CA ARG B 498 -5.28 -34.40 -28.57
C ARG B 498 -5.13 -32.96 -28.09
N ASP B 499 -5.61 -32.03 -28.92
CA ASP B 499 -5.23 -30.63 -28.75
C ASP B 499 -5.77 -30.05 -27.45
N LYS B 500 -6.94 -30.51 -27.00
CA LYS B 500 -7.54 -29.94 -25.79
C LYS B 500 -6.61 -30.12 -24.59
N VAL B 501 -6.03 -31.32 -24.44
CA VAL B 501 -5.17 -31.58 -23.31
C VAL B 501 -3.89 -30.76 -23.40
N LEU B 502 -3.28 -30.73 -24.59
CA LEU B 502 -2.06 -29.96 -24.81
C LEU B 502 -2.27 -28.49 -24.46
N ILE B 503 -3.33 -27.90 -25.00
CA ILE B 503 -3.62 -26.50 -24.72
C ILE B 503 -3.87 -26.28 -23.24
N ARG B 504 -4.69 -27.14 -22.62
CA ARG B 504 -5.00 -26.93 -21.21
C ARG B 504 -3.73 -26.95 -20.36
N ILE B 505 -2.86 -27.94 -20.61
CA ILE B 505 -1.65 -28.09 -19.80
C ILE B 505 -0.68 -26.93 -20.05
N MET B 506 -0.48 -26.55 -21.33
CA MET B 506 0.45 -25.47 -21.62
C MET B 506 -0.05 -24.14 -21.09
N VAL B 507 -1.37 -23.95 -21.06
CA VAL B 507 -1.93 -22.70 -20.57
C VAL B 507 -1.85 -22.63 -19.06
N SER B 508 -2.17 -23.73 -18.39
CA SER B 508 -2.32 -23.72 -16.94
C SER B 508 -1.03 -23.94 -16.19
N ARG B 509 0.01 -24.48 -16.82
CA ARG B 509 1.25 -24.79 -16.11
C ARG B 509 2.44 -24.02 -16.65
N SER B 510 2.22 -23.05 -17.54
CA SER B 510 3.32 -22.26 -18.08
C SER B 510 4.01 -21.43 -16.99
N GLU B 511 3.26 -21.02 -15.97
CA GLU B 511 3.78 -20.18 -14.91
C GLU B 511 4.08 -20.93 -13.61
N VAL B 512 3.70 -22.20 -13.52
CA VAL B 512 3.80 -22.94 -12.27
C VAL B 512 5.09 -23.75 -12.24
N ASP B 513 5.10 -24.90 -12.90
CA ASP B 513 6.27 -25.77 -12.88
C ASP B 513 6.70 -26.17 -14.29
N MET B 514 6.46 -25.30 -15.27
CA MET B 514 6.81 -25.63 -16.65
C MET B 514 8.27 -26.04 -16.79
N LEU B 515 9.16 -25.49 -15.96
CA LEU B 515 10.58 -25.82 -16.09
C LEU B 515 10.86 -27.24 -15.62
N LYS B 516 10.25 -27.64 -14.50
CA LYS B 516 10.38 -29.03 -14.05
C LYS B 516 9.69 -29.97 -15.03
N ILE B 517 8.59 -29.54 -15.64
CA ILE B 517 7.92 -30.34 -16.66
C ILE B 517 8.87 -30.61 -17.82
N ARG B 518 9.50 -29.55 -18.34
CA ARG B 518 10.45 -29.72 -19.44
C ARG B 518 11.61 -30.61 -19.02
N SER B 519 12.07 -30.47 -17.77
CA SER B 519 13.19 -31.28 -17.31
C SER B 519 12.83 -32.76 -17.29
N GLU B 520 11.68 -33.09 -16.71
CA GLU B 520 11.25 -34.49 -16.65
C GLU B 520 10.98 -35.03 -18.05
N PHE B 521 10.38 -34.22 -18.91
CA PHE B 521 10.15 -34.64 -20.28
C PHE B 521 11.46 -35.00 -20.96
N LYS B 522 12.45 -34.10 -20.89
CA LYS B 522 13.73 -34.36 -21.56
C LYS B 522 14.44 -35.56 -20.94
N ARG B 523 14.30 -35.73 -19.62
CA ARG B 523 14.95 -36.88 -18.96
C ARG B 523 14.33 -38.19 -19.43
N LYS B 524 13.00 -38.26 -19.45
CA LYS B 524 12.32 -39.52 -19.74
C LYS B 524 12.33 -39.85 -21.22
N TYR B 525 12.02 -38.86 -22.06
CA TYR B 525 11.81 -39.09 -23.47
C TYR B 525 13.02 -38.72 -24.33
N GLY B 526 14.07 -38.19 -23.73
CA GLY B 526 15.30 -37.99 -24.46
C GLY B 526 15.39 -36.65 -25.15
N LYS B 527 14.31 -36.24 -25.82
CA LYS B 527 14.32 -35.01 -26.59
C LYS B 527 13.43 -33.97 -25.94
N SER B 528 13.53 -32.75 -26.46
CA SER B 528 12.90 -31.60 -25.83
C SER B 528 11.39 -31.59 -26.05
N LEU B 529 10.64 -31.27 -24.98
CA LEU B 529 9.23 -30.95 -25.14
C LEU B 529 9.04 -29.94 -26.26
N TYR B 530 9.96 -28.99 -26.37
CA TYR B 530 9.95 -28.07 -27.51
C TYR B 530 9.96 -28.84 -28.82
N TYR B 531 10.78 -29.89 -28.92
CA TYR B 531 10.89 -30.64 -30.16
C TYR B 531 9.58 -31.34 -30.50
N TYR B 532 8.97 -32.00 -29.51
CA TYR B 532 7.67 -32.64 -29.75
C TYR B 532 6.61 -31.62 -30.14
N ILE B 533 6.66 -30.42 -29.54
CA ILE B 533 5.73 -29.37 -29.95
C ILE B 533 5.95 -29.01 -31.41
N GLN B 534 7.22 -28.77 -31.78
CA GLN B 534 7.55 -28.48 -33.18
C GLN B 534 6.96 -29.51 -34.11
N GLN B 535 7.10 -30.80 -33.76
CA GLN B 535 6.69 -31.85 -34.67
C GLN B 535 5.18 -32.00 -34.74
N ASP B 536 4.49 -31.82 -33.60
CA ASP B 536 3.08 -32.16 -33.54
C ASP B 536 2.15 -30.97 -33.78
N THR B 537 2.68 -29.77 -33.84
CA THR B 537 1.87 -28.59 -34.12
C THR B 537 2.55 -27.77 -35.22
N LYS B 538 1.82 -26.79 -35.74
CA LYS B 538 2.34 -25.99 -36.83
C LYS B 538 1.72 -24.59 -36.77
N GLY B 539 2.32 -23.67 -37.51
CA GLY B 539 1.79 -22.33 -37.63
C GLY B 539 1.98 -21.49 -36.38
N ASP B 540 1.29 -20.35 -36.36
CA ASP B 540 1.29 -19.49 -35.19
C ASP B 540 0.76 -20.22 -33.96
N TYR B 541 -0.07 -21.25 -34.16
CA TYR B 541 -0.44 -22.12 -33.05
C TYR B 541 0.81 -22.75 -32.42
N GLN B 542 1.64 -23.39 -33.24
CA GLN B 542 2.90 -23.94 -32.75
C GLN B 542 3.75 -22.87 -32.11
N LYS B 543 3.76 -21.67 -32.70
CA LYS B 543 4.61 -20.61 -32.16
C LYS B 543 4.15 -20.20 -30.77
N ALA B 544 2.84 -20.09 -30.57
CA ALA B 544 2.31 -19.74 -29.25
C ALA B 544 2.57 -20.85 -28.23
N LEU B 545 2.39 -22.10 -28.63
CA LEU B 545 2.69 -23.21 -27.72
C LEU B 545 4.16 -23.24 -27.35
N LEU B 546 5.04 -22.97 -28.32
CA LEU B 546 6.47 -22.93 -28.04
C LEU B 546 6.80 -21.78 -27.09
N TYR B 547 6.20 -20.61 -27.29
CA TYR B 547 6.45 -19.49 -26.39
C TYR B 547 5.99 -19.82 -24.97
N LEU B 548 4.80 -20.40 -24.84
CA LEU B 548 4.28 -20.71 -23.49
C LEU B 548 5.17 -21.78 -22.87
N CYS B 549 5.79 -22.59 -23.71
CA CYS B 549 6.58 -23.73 -23.21
C CYS B 549 8.01 -23.37 -22.83
N GLY B 550 8.40 -22.10 -22.82
CA GLY B 550 9.81 -21.85 -22.42
C GLY B 550 10.77 -21.91 -23.57
N GLY B 551 11.72 -22.85 -23.58
CA GLY B 551 12.69 -22.95 -24.68
C GLY B 551 13.01 -24.39 -25.02
N ASP B 552 14.18 -24.66 -25.60
CA ASP B 552 14.56 -26.06 -25.92
C ASP B 552 15.15 -26.72 -24.67
N ASP B 553 15.17 -28.06 -24.58
CA ASP B 553 15.61 -28.72 -23.33
C ASP B 553 14.88 -28.07 -22.17
C1 GOL C . 16.67 21.33 -2.14
O1 GOL C . 15.96 21.52 -0.98
C2 GOL C . 17.95 20.54 -1.78
O2 GOL C . 19.07 21.16 -2.31
C3 GOL C . 17.95 20.48 -0.19
O3 GOL C . 18.99 19.62 0.23
C1 GOL D . 9.16 11.06 1.47
O1 GOL D . 8.52 12.28 1.23
C2 GOL D . 10.61 11.22 0.94
O2 GOL D . 11.02 12.54 1.00
C3 GOL D . 11.46 10.27 1.83
O3 GOL D . 12.58 9.89 1.08
CA CA E . 6.42 23.95 21.00
CA CA F . 26.81 34.73 -19.69
CA CA G . -14.57 -4.39 -8.60
CA CA H . 19.59 4.74 -19.35
CA CA I . -7.59 27.16 45.21
CA CA J . 15.43 11.76 -22.14
CA CA K . -19.93 28.07 45.65
CA CA L . -6.09 16.96 -17.62
CA CA M . -1.36 -6.11 -12.07
CA CA N . 2.99 17.30 12.62
C1 GOL O . -3.18 -24.34 -11.44
O1 GOL O . -2.10 -24.17 -12.31
C2 GOL O . -4.04 -23.03 -11.42
O2 GOL O . -4.59 -22.74 -12.68
C3 GOL O . -5.12 -23.31 -10.33
O3 GOL O . -5.56 -22.08 -9.80
C1 GOL P . -2.90 -31.72 -4.96
O1 GOL P . -2.25 -32.77 -5.62
C2 GOL P . -3.27 -32.26 -3.59
O2 GOL P . -3.65 -33.60 -3.67
C3 GOL P . -4.48 -31.44 -3.12
O3 GOL P . -4.01 -30.35 -2.38
H11 GOL P . -2.34 -30.94 -4.86
H12 GOL P . -3.70 -31.42 -5.42
HO1 GOL P . -2.42 -33.48 -5.17
H2 GOL P . -2.51 -32.17 -2.99
HO2 GOL P . -4.34 -33.62 -4.19
H31 GOL P . -5.07 -32.02 -2.61
H32 GOL P . -4.99 -31.18 -3.89
HO3 GOL P . -4.43 -30.39 -1.64
CA CA Q . 0.01 -35.51 -32.04
CA CA R . -23.07 -33.80 -17.84
CA CA S . 10.18 -52.85 5.02
CA CA T . -7.67 -57.09 -2.81
CA CA U . -2.55 -12.70 -40.80
CA CA V . -13.99 -16.79 -33.71
#